data_7NZM
#
_entry.id   7NZM
#
_cell.length_a   1.00
_cell.length_b   1.00
_cell.length_c   1.00
_cell.angle_alpha   90.00
_cell.angle_beta   90.00
_cell.angle_gamma   90.00
#
_symmetry.space_group_name_H-M   'P 1'
#
loop_
_entity.id
_entity.type
_entity.pdbx_description
1 polymer 'Eukaryotic translation initiation factor 2 subunit 1'
2 polymer 'Serine/threonine-protein phosphatase PP1-alpha catalytic subunit'
3 polymer 'Actin, alpha skeletal muscle, intermediate form'
4 polymer Deoxyribonuclease-1
5 polymer 'Protein phosphatase 1 regulatory subunit 15A,Maltose/maltodextrin-binding periplasmic protein'
6 branched 2-acetamido-2-deoxy-beta-D-glucopyranose-(1-4)-2-acetamido-2-deoxy-beta-D-glucopyranose
7 non-polymer 'MANGANESE (II) ION'
8 non-polymer "ADENOSINE-5'-TRIPHOSPHATE"
#
loop_
_entity_poly.entity_id
_entity_poly.type
_entity_poly.pdbx_seq_one_letter_code
_entity_poly.pdbx_strand_id
1 'polypeptide(L)'
;PGLSCRFYQHKFPEVEDVVMVNVRSIAEMGAYVSLLEYNNIEGMILLSEL(SEP)RRRIRSINKLIRIGRNECVVVIRVD
KEKGYIDLSKRRVSPEEAIKCEDKFTKSKTVYSILRHVAEVLEYTKDEQLESLFQRTAWVFDDKYKRPGYGAYDAFKHAV
SDPSILDSLDLNEDEREVLINNINRRLTPQ
;
E
2 'polypeptide(L)'
;LNLDSIIGRLLEVQGSRPGKNVQLTENEIRGLCLKSREIFLSQPILLELEAPLKICGAIHGQYYDLLRLFEYGGFPPESN
YLFLGDYVDRGKQSLETICLLLAYKIKYPENFFLLRGNHECASINRIYGFYDECKRRYNIKLWKTFTDCFNCLPIAAIVD
EKIFCCHGGLSPDLQSMEQIRRIMRPTDVPDQGLLCDLLWSDPDKDVQGWGENDRGVSFTFGAEVVAKFLHKHDLDLICR
AHQVVEDGYEFFAKRQLVTLFSAPNYCGEFDNAGAMMSVDETLMCSFQILKPAD
;
B
3 'polypeptide(L)'
;DEDETTALVCDNGSGLVKAGFAGDDAPRAVFPSIVGRPRHQGVMVGMGQKDSYVGDEAQSKRGILTLKYPIEHGIITNWD
DMEKIWHHTFYNELRVAPEEHPTLLTEAPLNPKANREKMTQIMFETFNVPAMYVAIQAVLSLYASGRTTGIVLDSGDGVT
HNVPIYEGYALPHAIMRLDLAGRDLTDYLMKILTERGYSFVTTAEREIVRDIKEKLCYVALDFENEMATAASSSSLEKSY
ELPDGQVITIGNERFRCPETLFQPSFIGMESAGIHETTYNSIMKCDIDIRKDLYANNVMSGGTTMYPGIADRMQKEITAL
APSTMKIKIIAPPERKYSVWIGGSILASLSTFQQMWITKQEYDEAGPSIVHRKCF
;
A
4 'polypeptide(L)'
;LKIAAFNIRTFGETKMSNATLASYIVRIVRRYDIVLIQEVRDSHLVAVGKLLDYLNQDDPNTYHYVVSEPLGRNSYKERY
LFLFRPNKVSVLDTYQYDDGCESCGNDSFSREPAVVKFSSHSTKVKEFAIVALHSAPSDAVAEINSLYDVYLDVQQKWHL
NDVMLMGDFNADCSYVTSSQWSSIRLRTSSTFQWLIPDSADTTATSTNCAYDRIVVAGSLLQSSVVPGSAAPFDFQAAYG
LSNEMALAISDHYPVEVTLT
;
D
5 'polypeptide(L)'
;ARKVRFSEKVTVHFLAVWAGPAQAARQGPWEQLARDRSRFARRITQAQEELSPCLTPAARARAWARLRNPPLQAKIEEGK
LVIWINGDKGYNGLAEVGKKFEKDTGIKVTVEHPDKLEEKFPQVAATGDGPDIIFWAHDRFGGYAQSGLLAEITPDKAFQ
DKLYPFTWDAVRYNGKLIAYPIAVEALSLIYNKDLLPNPPKTWEEIPALDKELKAKGKSALMFNLQEPYFTWPLIAADGG
YAFKYENGKYDIKDVGVDNAGAKAGLTFLVDLIKNKHMNADTDYSIAEAAFNKGETAMTINGPWAWSNIDTSKVNYGVTV
LPTFKGQPSKPFVGVLSAGINAASPNKELAKEFLENYLLTDEGLEAVNKDKPLGAVALKSYEEELAKDPRIAATMENAQK
GEIMPNIPQMSAFWYAVRTAVINAASGRQTVDEALKDAQTRITK
;
C
#
# COMPACT_ATOMS: atom_id res chain seq x y z
N CYS A 5 1.77 -27.92 21.59
CA CYS A 5 1.39 -27.94 20.19
C CYS A 5 -0.01 -27.39 20.04
N ARG A 6 -0.26 -26.73 18.91
CA ARG A 6 -1.60 -26.29 18.59
C ARG A 6 -2.54 -27.48 18.42
N PHE A 7 -3.83 -27.18 18.42
CA PHE A 7 -4.87 -28.21 18.31
C PHE A 7 -5.13 -28.68 16.90
N TYR A 8 -4.97 -27.83 15.88
CA TYR A 8 -5.45 -28.14 14.55
C TYR A 8 -4.29 -28.06 13.55
N GLN A 9 -4.50 -28.69 12.39
CA GLN A 9 -3.47 -28.73 11.36
C GLN A 9 -2.97 -27.34 11.02
N HIS A 10 -3.87 -26.39 10.77
CA HIS A 10 -3.45 -25.06 10.37
C HIS A 10 -2.84 -24.31 11.55
N LYS A 11 -1.89 -23.43 11.22
CA LYS A 11 -1.08 -22.74 12.21
C LYS A 11 -1.66 -21.39 12.64
N PHE A 12 -2.61 -20.85 11.90
CA PHE A 12 -3.32 -19.60 12.15
C PHE A 12 -4.81 -19.83 12.02
N PRO A 13 -5.62 -19.07 12.72
CA PRO A 13 -7.06 -19.14 12.50
C PRO A 13 -7.49 -18.43 11.23
N GLU A 14 -8.64 -18.84 10.74
CA GLU A 14 -9.26 -18.20 9.60
C GLU A 14 -10.07 -17.00 10.06
N VAL A 15 -10.04 -15.95 9.24
CA VAL A 15 -10.86 -14.76 9.47
C VAL A 15 -12.32 -15.13 9.69
N GLU A 16 -12.94 -14.52 10.71
CA GLU A 16 -14.30 -14.69 11.21
C GLU A 16 -14.50 -15.82 12.22
N ASP A 17 -13.53 -16.69 12.46
CA ASP A 17 -13.70 -17.63 13.55
C ASP A 17 -13.77 -16.87 14.87
N VAL A 18 -14.51 -17.40 15.83
CA VAL A 18 -14.44 -16.92 17.20
C VAL A 18 -13.57 -17.86 18.02
N VAL A 19 -12.56 -17.29 18.69
CA VAL A 19 -11.58 -18.06 19.45
C VAL A 19 -11.53 -17.51 20.87
N MET A 20 -11.10 -18.36 21.79
CA MET A 20 -10.99 -17.97 23.19
C MET A 20 -9.59 -17.43 23.46
N VAL A 21 -9.49 -16.45 24.35
CA VAL A 21 -8.21 -15.83 24.68
C VAL A 21 -8.06 -15.63 26.18
N ASN A 22 -6.81 -15.57 26.60
CA ASN A 22 -6.40 -15.18 27.95
C ASN A 22 -5.80 -13.79 27.91
N VAL A 23 -6.32 -12.88 28.72
CA VAL A 23 -5.82 -11.51 28.76
C VAL A 23 -4.53 -11.47 29.54
N ARG A 24 -3.45 -11.00 28.89
CA ARG A 24 -2.12 -11.06 29.47
C ARG A 24 -1.65 -9.74 30.09
N SER A 25 -1.98 -8.61 29.48
CA SER A 25 -1.52 -7.33 30.01
C SER A 25 -2.40 -6.21 29.45
N ILE A 26 -2.35 -5.06 30.11
CA ILE A 26 -3.08 -3.88 29.67
C ILE A 26 -2.07 -2.78 29.39
N ALA A 27 -2.17 -2.20 28.21
CA ALA A 27 -1.31 -1.12 27.74
C ALA A 27 -2.19 -0.02 27.18
N GLU A 28 -1.57 1.07 26.74
CA GLU A 28 -2.34 2.19 26.23
C GLU A 28 -3.30 1.75 25.14
N MET A 29 -2.82 0.96 24.18
CA MET A 29 -3.58 0.70 22.95
C MET A 29 -4.36 -0.61 22.96
N GLY A 30 -4.35 -1.36 24.05
CA GLY A 30 -5.34 -2.41 24.21
C GLY A 30 -4.82 -3.51 25.11
N ALA A 31 -5.44 -4.68 24.99
CA ALA A 31 -5.06 -5.86 25.73
C ALA A 31 -4.37 -6.87 24.84
N TYR A 32 -3.20 -7.32 25.28
CA TYR A 32 -2.51 -8.44 24.64
C TYR A 32 -3.11 -9.72 25.17
N VAL A 33 -3.31 -10.70 24.29
CA VAL A 33 -3.97 -11.94 24.71
C VAL A 33 -3.27 -13.13 24.10
N SER A 34 -3.46 -14.27 24.75
CA SER A 34 -2.98 -15.55 24.25
C SER A 34 -4.14 -16.40 23.73
N LEU A 35 -3.98 -16.91 22.52
CA LEU A 35 -4.97 -17.80 21.92
C LEU A 35 -4.76 -19.21 22.46
N LEU A 36 -5.72 -19.70 23.24
CA LEU A 36 -5.56 -20.95 23.97
C LEU A 36 -5.49 -22.15 23.02
N GLU A 37 -5.98 -22.00 21.79
CA GLU A 37 -6.02 -23.09 20.85
C GLU A 37 -4.81 -23.12 19.93
N TYR A 38 -3.98 -22.09 19.94
CA TYR A 38 -2.90 -21.96 18.98
C TYR A 38 -1.53 -21.84 19.63
N ASN A 39 -1.27 -22.70 20.61
CA ASN A 39 0.01 -22.77 21.32
C ASN A 39 0.45 -21.43 21.90
N ASN A 40 -0.52 -20.68 22.41
CA ASN A 40 -0.28 -19.43 23.14
C ASN A 40 0.42 -18.34 22.32
N ILE A 41 0.31 -18.34 20.99
CA ILE A 41 0.81 -17.20 20.24
C ILE A 41 0.06 -15.94 20.62
N GLU A 42 0.71 -14.79 20.45
CA GLU A 42 0.14 -13.53 20.92
C GLU A 42 -0.75 -12.88 19.87
N GLY A 43 -1.94 -12.47 20.31
CA GLY A 43 -2.78 -11.58 19.52
C GLY A 43 -3.11 -10.31 20.27
N MET A 44 -4.14 -9.62 19.77
CA MET A 44 -4.69 -8.43 20.40
C MET A 44 -6.21 -8.43 20.31
N ILE A 45 -6.84 -7.71 21.22
CA ILE A 45 -8.25 -7.36 21.14
C ILE A 45 -8.35 -5.83 21.05
N LEU A 46 -8.82 -5.32 19.91
CA LEU A 46 -8.96 -3.88 19.77
C LEU A 46 -9.77 -3.31 20.92
N LEU A 47 -9.63 -2.01 21.14
CA LEU A 47 -10.47 -1.31 22.09
C LEU A 47 -11.94 -1.67 21.84
N SER A 48 -12.61 -2.10 22.92
CA SER A 48 -13.88 -2.80 22.78
C SER A 48 -14.89 -1.99 21.95
N GLU A 49 -15.10 -0.74 22.32
CA GLU A 49 -16.12 0.09 21.69
C GLU A 49 -15.92 1.52 22.16
N LEU A 50 -16.42 2.46 21.36
CA LEU A 50 -16.49 3.86 21.75
C LEU A 50 -15.11 4.45 22.05
N ARG A 52 -11.92 4.88 25.55
CA ARG A 52 -11.51 4.45 26.89
C ARG A 52 -10.06 4.82 27.25
N ARG A 53 -9.83 4.98 28.55
CA ARG A 53 -8.50 5.23 29.09
C ARG A 53 -7.97 3.92 29.71
N ARG A 54 -6.83 3.99 30.41
CA ARG A 54 -6.24 2.81 31.03
C ARG A 54 -6.61 2.68 32.51
N ILE A 55 -7.15 3.74 33.10
CA ILE A 55 -7.32 3.77 34.56
C ILE A 55 -8.34 2.73 35.01
N ARG A 56 -9.57 2.83 34.52
CA ARG A 56 -10.64 1.88 34.84
C ARG A 56 -10.76 0.76 33.82
N SER A 57 -9.76 0.61 32.94
CA SER A 57 -9.80 -0.50 32.00
C SER A 57 -9.70 -1.83 32.72
N ILE A 58 -9.32 -1.82 34.00
CA ILE A 58 -9.24 -3.04 34.79
C ILE A 58 -10.61 -3.62 35.10
N ASN A 59 -11.67 -2.81 35.01
CA ASN A 59 -13.01 -3.37 35.12
C ASN A 59 -13.39 -4.14 33.86
N LYS A 60 -12.73 -3.84 32.75
CA LYS A 60 -12.84 -4.62 31.52
C LYS A 60 -11.83 -5.78 31.48
N LEU A 61 -11.02 -5.93 32.54
CA LEU A 61 -9.95 -6.91 32.58
C LEU A 61 -10.31 -8.15 33.37
N ILE A 62 -11.59 -8.33 33.71
CA ILE A 62 -12.02 -9.54 34.41
C ILE A 62 -12.06 -10.75 33.48
N ARG A 63 -11.68 -10.57 32.22
CA ARG A 63 -11.60 -11.69 31.30
C ARG A 63 -10.39 -12.58 31.60
N ILE A 64 -9.41 -12.04 32.32
CA ILE A 64 -8.22 -12.82 32.67
C ILE A 64 -8.59 -14.06 33.46
N GLY A 65 -9.65 -13.98 34.25
CA GLY A 65 -10.20 -15.13 34.94
C GLY A 65 -11.52 -15.56 34.34
N ARG A 66 -11.79 -15.13 33.11
CA ARG A 66 -13.01 -15.53 32.42
C ARG A 66 -12.74 -16.20 31.08
N ASN A 67 -11.62 -15.87 30.43
CA ASN A 67 -11.21 -16.49 29.17
C ASN A 67 -12.30 -16.30 28.11
N GLU A 68 -12.54 -15.04 27.76
CA GLU A 68 -13.56 -14.72 26.77
C GLU A 68 -13.24 -15.27 25.39
N CYS A 69 -14.30 -15.57 24.64
CA CYS A 69 -14.20 -15.96 23.25
C CYS A 69 -14.40 -14.73 22.39
N VAL A 70 -13.47 -14.48 21.47
CA VAL A 70 -13.50 -13.29 20.63
C VAL A 70 -13.27 -13.72 19.19
N VAL A 71 -13.67 -12.83 18.28
CA VAL A 71 -13.63 -13.09 16.84
C VAL A 71 -12.43 -12.41 16.20
N VAL A 72 -11.82 -13.14 15.27
CA VAL A 72 -10.67 -12.67 14.49
C VAL A 72 -11.10 -11.65 13.45
N ILE A 73 -10.50 -10.47 13.51
CA ILE A 73 -10.86 -9.29 12.73
C ILE A 73 -9.87 -9.11 11.60
N ARG A 74 -8.62 -9.48 11.84
CA ARG A 74 -7.59 -9.33 10.83
C ARG A 74 -6.44 -10.28 11.14
N VAL A 75 -5.88 -10.85 10.09
CA VAL A 75 -4.71 -11.70 10.15
C VAL A 75 -3.72 -11.17 9.12
N ASP A 76 -2.43 -11.28 9.42
CA ASP A 76 -1.38 -11.00 8.46
C ASP A 76 -0.27 -12.00 8.76
N LYS A 77 -0.29 -13.10 8.00
CA LYS A 77 0.59 -14.23 8.26
C LYS A 77 2.05 -13.83 8.10
N GLU A 78 2.35 -12.93 7.17
CA GLU A 78 3.72 -12.50 6.99
C GLU A 78 4.23 -11.70 8.19
N LYS A 79 3.49 -10.64 8.57
CA LYS A 79 3.90 -9.82 9.70
C LYS A 79 3.72 -10.54 11.04
N GLY A 80 2.77 -11.45 11.15
CA GLY A 80 2.62 -12.20 12.38
C GLY A 80 1.57 -11.72 13.36
N TYR A 81 0.69 -10.78 12.97
CA TYR A 81 -0.25 -10.13 13.87
C TYR A 81 -1.60 -10.83 13.78
N ILE A 82 -2.28 -10.95 14.92
CA ILE A 82 -3.70 -11.32 14.98
C ILE A 82 -4.47 -10.33 15.81
N ASP A 83 -5.43 -9.64 15.18
CA ASP A 83 -6.32 -8.70 15.84
C ASP A 83 -7.66 -9.39 16.09
N LEU A 84 -8.25 -9.13 17.25
CA LEU A 84 -9.48 -9.79 17.70
C LEU A 84 -10.48 -8.75 18.17
N SER A 85 -11.75 -9.16 18.30
CA SER A 85 -12.81 -8.30 18.79
C SER A 85 -13.68 -9.03 19.81
N LYS A 86 -13.81 -8.42 20.99
CA LYS A 86 -14.77 -8.83 22.01
C LYS A 86 -16.17 -8.30 21.73
N ARG A 87 -16.28 -7.04 21.32
CA ARG A 87 -17.57 -6.37 21.16
C ARG A 87 -18.57 -7.12 20.27
N ARG A 88 -18.10 -7.87 19.27
CA ARG A 88 -19.04 -8.49 18.33
C ARG A 88 -19.54 -9.88 18.74
N VAL A 89 -19.09 -10.44 19.86
CA VAL A 89 -19.57 -11.77 20.24
C VAL A 89 -20.89 -11.67 20.97
N SER A 90 -21.92 -12.34 20.45
CA SER A 90 -23.22 -12.45 21.08
C SER A 90 -23.20 -13.52 22.16
N PRO A 91 -24.08 -13.43 23.15
CA PRO A 91 -24.14 -14.49 24.18
C PRO A 91 -24.39 -15.87 23.62
N GLU A 92 -25.27 -15.99 22.60
CA GLU A 92 -25.51 -17.28 21.95
C GLU A 92 -24.25 -17.80 21.26
N GLU A 93 -23.46 -16.90 20.67
CA GLU A 93 -22.20 -17.28 20.05
C GLU A 93 -21.20 -17.74 21.10
N ALA A 94 -21.24 -17.08 22.27
CA ALA A 94 -20.35 -17.38 23.39
C ALA A 94 -20.58 -18.79 23.94
N ILE A 95 -21.82 -19.26 23.95
CA ILE A 95 -22.11 -20.59 24.49
C ILE A 95 -21.36 -21.65 23.70
N LYS A 96 -21.33 -21.53 22.38
CA LYS A 96 -20.59 -22.48 21.55
C LYS A 96 -19.11 -22.45 21.88
N CYS A 97 -18.55 -21.25 22.12
CA CYS A 97 -17.12 -21.14 22.39
C CYS A 97 -16.72 -21.88 23.66
N GLU A 98 -17.50 -21.72 24.73
CA GLU A 98 -17.25 -22.50 25.93
C GLU A 98 -17.30 -24.00 25.64
N ASP A 99 -18.30 -24.43 24.87
CA ASP A 99 -18.41 -25.82 24.47
C ASP A 99 -17.25 -26.28 23.58
N LYS A 100 -16.96 -25.51 22.52
CA LYS A 100 -15.81 -25.83 21.68
C LYS A 100 -14.52 -25.92 22.49
N PHE A 101 -14.28 -24.96 23.37
CA PHE A 101 -13.03 -24.95 24.13
C PHE A 101 -12.91 -26.21 24.98
N THR A 102 -13.99 -26.58 25.66
CA THR A 102 -13.98 -27.82 26.45
C THR A 102 -13.74 -29.04 25.57
N LYS A 103 -14.37 -29.07 24.38
CA LYS A 103 -14.21 -30.24 23.52
C LYS A 103 -12.79 -30.35 23.00
N SER A 104 -12.23 -29.24 22.51
CA SER A 104 -10.88 -29.25 21.95
C SER A 104 -9.85 -29.54 23.03
N LYS A 105 -10.06 -28.99 24.23
CA LYS A 105 -9.19 -29.26 25.36
C LYS A 105 -9.17 -30.74 25.71
N THR A 106 -10.29 -31.42 25.51
CA THR A 106 -10.37 -32.84 25.83
C THR A 106 -9.50 -33.68 24.91
N VAL A 107 -9.55 -33.41 23.60
CA VAL A 107 -8.64 -34.08 22.69
C VAL A 107 -7.18 -33.85 23.10
N TYR A 108 -6.82 -32.60 23.39
CA TYR A 108 -5.47 -32.30 23.85
C TYR A 108 -5.10 -33.14 25.07
N SER A 109 -5.98 -33.18 26.07
CA SER A 109 -5.67 -33.90 27.31
C SER A 109 -5.45 -35.39 27.07
N ILE A 110 -6.23 -35.99 26.18
CA ILE A 110 -6.01 -37.39 25.83
C ILE A 110 -4.61 -37.55 25.27
N LEU A 111 -4.25 -36.69 24.32
CA LEU A 111 -2.99 -36.74 23.59
C LEU A 111 -1.81 -36.31 24.46
N ARG A 112 -2.04 -35.39 25.39
CA ARG A 112 -0.97 -34.97 26.29
C ARG A 112 -0.45 -36.13 27.13
N HIS A 113 -1.32 -37.03 27.58
CA HIS A 113 -0.82 -38.22 28.25
C HIS A 113 -0.06 -39.12 27.27
N VAL A 114 -0.51 -39.16 26.02
CA VAL A 114 0.20 -39.89 24.98
C VAL A 114 1.62 -39.32 24.82
N ALA A 115 1.73 -38.00 24.84
CA ALA A 115 3.02 -37.32 24.69
C ALA A 115 4.00 -37.69 25.80
N GLU A 116 3.49 -37.95 27.00
CA GLU A 116 4.34 -38.30 28.14
C GLU A 116 5.05 -39.66 27.97
N VAL A 117 4.33 -40.70 27.52
CA VAL A 117 4.97 -42.01 27.37
C VAL A 117 6.12 -41.99 26.36
N LEU A 118 5.94 -41.35 25.20
CA LEU A 118 7.07 -41.36 24.26
C LEU A 118 8.09 -40.25 24.55
N GLU A 119 7.90 -39.44 25.57
CA GLU A 119 8.86 -38.41 25.97
C GLU A 119 9.24 -37.48 24.82
N TYR A 120 8.24 -36.89 24.16
CA TYR A 120 8.56 -35.88 23.15
C TYR A 120 9.10 -34.62 23.80
N THR A 121 10.07 -33.99 23.13
CA THR A 121 10.68 -32.77 23.63
C THR A 121 10.59 -31.61 22.63
N LYS A 122 10.22 -31.87 21.39
CA LYS A 122 10.22 -30.84 20.36
C LYS A 122 8.79 -30.74 19.85
N ASP A 123 8.33 -29.52 19.61
CA ASP A 123 6.96 -29.37 19.17
C ASP A 123 6.68 -30.12 17.88
N GLU A 124 7.64 -30.15 16.95
CA GLU A 124 7.35 -30.83 15.69
C GLU A 124 7.18 -32.34 15.88
N GLN A 125 7.84 -32.92 16.88
CA GLN A 125 7.62 -34.34 17.14
C GLN A 125 6.23 -34.58 17.67
N LEU A 126 5.77 -33.72 18.57
CA LEU A 126 4.42 -33.83 19.13
C LEU A 126 3.36 -33.60 18.05
N GLU A 127 3.58 -32.60 17.20
CA GLU A 127 2.65 -32.32 16.10
C GLU A 127 2.47 -33.53 15.19
N SER A 128 3.55 -34.26 14.90
CA SER A 128 3.44 -35.40 13.99
C SER A 128 2.59 -36.51 14.57
N LEU A 129 2.71 -36.75 15.87
CA LEU A 129 1.78 -37.65 16.56
C LEU A 129 0.34 -37.18 16.34
N PHE A 130 0.09 -35.89 16.56
CA PHE A 130 -1.22 -35.29 16.30
C PHE A 130 -1.63 -35.50 14.85
N GLN A 131 -0.72 -35.21 13.93
CA GLN A 131 -0.99 -35.38 12.51
C GLN A 131 -1.53 -36.77 12.21
N ARG A 132 -1.03 -37.79 12.91
CA ARG A 132 -1.46 -39.15 12.65
C ARG A 132 -2.64 -39.59 13.52
N THR A 133 -3.11 -38.76 14.45
CA THR A 133 -4.25 -39.21 15.27
C THR A 133 -5.42 -38.23 15.27
N ALA A 134 -5.38 -37.23 16.17
CA ALA A 134 -6.45 -36.23 16.23
C ALA A 134 -6.75 -35.61 14.87
N TRP A 135 -5.71 -35.20 14.15
CA TRP A 135 -5.88 -34.49 12.89
C TRP A 135 -6.32 -35.40 11.75
N VAL A 136 -6.12 -36.70 11.89
CA VAL A 136 -6.65 -37.61 10.89
C VAL A 136 -8.16 -37.57 10.91
N PHE A 137 -8.76 -37.57 12.10
CA PHE A 137 -10.21 -37.54 12.20
C PHE A 137 -10.74 -36.18 11.80
N ASP A 138 -10.08 -35.10 12.23
CA ASP A 138 -10.47 -33.76 11.82
C ASP A 138 -10.49 -33.61 10.30
N ASP A 139 -9.46 -34.08 9.61
CA ASP A 139 -9.45 -33.97 8.15
C ASP A 139 -10.46 -34.90 7.50
N LYS A 140 -10.44 -36.18 7.90
CA LYS A 140 -11.34 -37.19 7.33
C LYS A 140 -12.79 -36.75 7.38
N TYR A 141 -13.21 -36.13 8.49
CA TYR A 141 -14.60 -35.75 8.69
C TYR A 141 -14.87 -34.27 8.45
N LYS A 142 -13.86 -33.50 8.08
CA LYS A 142 -14.01 -32.08 7.76
C LYS A 142 -14.82 -31.37 8.84
N ARG A 143 -14.35 -31.56 10.07
CA ARG A 143 -14.92 -30.97 11.27
C ARG A 143 -13.75 -30.75 12.20
N PRO A 144 -13.10 -29.59 12.11
CA PRO A 144 -12.00 -29.29 13.03
C PRO A 144 -12.43 -29.39 14.48
N GLY A 145 -11.56 -29.99 15.30
CA GLY A 145 -11.93 -30.09 16.71
C GLY A 145 -12.82 -31.28 17.06
N TYR A 146 -14.05 -31.19 16.57
CA TYR A 146 -15.10 -32.14 16.90
C TYR A 146 -14.75 -33.57 16.51
N GLY A 147 -14.11 -33.75 15.36
CA GLY A 147 -13.74 -35.07 14.85
C GLY A 147 -12.98 -36.00 15.76
N ALA A 148 -11.83 -35.55 16.27
CA ALA A 148 -11.04 -36.38 17.18
C ALA A 148 -11.83 -36.75 18.44
N TYR A 149 -12.52 -35.79 19.03
CA TYR A 149 -13.26 -36.00 20.27
C TYR A 149 -14.32 -37.09 20.11
N ASP A 150 -15.15 -36.99 19.08
CA ASP A 150 -16.22 -37.96 18.86
C ASP A 150 -15.69 -39.38 18.68
N ALA A 151 -14.56 -39.53 17.99
CA ALA A 151 -13.97 -40.84 17.73
C ALA A 151 -13.43 -41.50 18.99
N PHE A 152 -12.73 -40.74 19.84
CA PHE A 152 -12.22 -41.27 21.10
C PHE A 152 -13.33 -41.84 21.98
N LYS A 153 -14.46 -41.13 22.09
CA LYS A 153 -15.56 -41.64 22.91
C LYS A 153 -16.01 -43.01 22.39
N HIS A 154 -16.14 -43.13 21.07
CA HIS A 154 -16.52 -44.38 20.40
C HIS A 154 -15.55 -45.53 20.67
N ALA A 155 -14.27 -45.25 20.91
CA ALA A 155 -13.31 -46.33 21.11
C ALA A 155 -13.63 -47.25 22.29
N VAL A 156 -14.46 -46.82 23.25
CA VAL A 156 -14.83 -47.72 24.34
C VAL A 156 -15.59 -48.91 23.76
N SER A 157 -16.52 -48.63 22.86
CA SER A 157 -17.42 -49.57 22.20
C SER A 157 -16.89 -50.10 20.88
N ASP A 158 -16.06 -49.31 20.18
CA ASP A 158 -15.53 -49.71 18.87
C ASP A 158 -14.01 -49.58 18.84
N PRO A 159 -13.31 -50.58 19.37
CA PRO A 159 -11.83 -50.49 19.48
C PRO A 159 -11.14 -50.39 18.14
N SER A 160 -11.81 -50.80 17.06
CA SER A 160 -11.22 -50.86 15.72
C SER A 160 -10.82 -49.50 15.19
N ILE A 161 -11.30 -48.42 15.78
CA ILE A 161 -10.95 -47.09 15.28
C ILE A 161 -9.46 -46.81 15.32
N LEU A 162 -8.67 -47.51 16.14
CA LEU A 162 -7.24 -47.25 16.09
C LEU A 162 -6.53 -48.13 15.07
N ASP A 163 -7.20 -49.13 14.52
CA ASP A 163 -6.52 -50.11 13.67
C ASP A 163 -5.89 -49.45 12.45
N SER A 164 -6.55 -48.45 11.85
CA SER A 164 -5.99 -47.92 10.63
C SER A 164 -4.82 -47.00 10.90
N LEU A 165 -4.66 -46.58 12.15
CA LEU A 165 -3.54 -45.72 12.54
C LEU A 165 -2.24 -46.51 12.44
N ASP A 166 -1.17 -45.84 12.03
CA ASP A 166 0.14 -46.48 11.97
C ASP A 166 0.77 -46.62 13.37
N LEU A 167 0.26 -47.57 14.15
CA LEU A 167 0.74 -47.79 15.50
C LEU A 167 1.01 -49.28 15.75
N ASN A 168 2.06 -49.53 16.53
CA ASN A 168 2.39 -50.85 17.03
C ASN A 168 1.53 -51.18 18.25
N GLU A 169 1.62 -52.43 18.70
CA GLU A 169 0.74 -52.91 19.75
C GLU A 169 0.93 -52.11 21.04
N ASP A 170 2.18 -51.78 21.37
CA ASP A 170 2.47 -51.02 22.59
C ASP A 170 1.87 -49.61 22.51
N GLU A 171 2.05 -48.94 21.37
CA GLU A 171 1.52 -47.60 21.21
C GLU A 171 0.01 -47.57 21.46
N ARG A 172 -0.69 -48.56 20.91
CA ARG A 172 -2.15 -48.67 21.01
C ARG A 172 -2.65 -48.85 22.44
N GLU A 173 -2.00 -49.71 23.23
CA GLU A 173 -2.44 -49.98 24.60
C GLU A 173 -2.44 -48.74 25.48
N VAL A 174 -1.40 -47.91 25.44
CA VAL A 174 -1.36 -46.73 26.31
C VAL A 174 -2.43 -45.73 25.90
N LEU A 175 -2.67 -45.57 24.59
CA LEU A 175 -3.72 -44.67 24.14
C LEU A 175 -5.08 -45.13 24.63
N ILE A 176 -5.35 -46.43 24.50
CA ILE A 176 -6.62 -47.05 24.91
C ILE A 176 -6.83 -46.90 26.41
N ASN A 177 -5.78 -47.17 27.18
CA ASN A 177 -5.76 -47.03 28.64
C ASN A 177 -6.26 -45.68 29.14
N ASN A 178 -5.79 -44.60 28.54
CA ASN A 178 -6.13 -43.26 29.02
C ASN A 178 -7.61 -42.91 28.79
N ILE A 179 -8.22 -43.44 27.74
CA ILE A 179 -9.67 -43.32 27.59
C ILE A 179 -10.42 -43.93 28.77
N ASN A 180 -10.09 -45.18 29.13
CA ASN A 180 -10.78 -45.84 30.25
C ASN A 180 -10.71 -45.03 31.55
N ARG A 181 -9.53 -44.48 31.87
CA ARG A 181 -9.38 -43.62 33.05
C ARG A 181 -10.30 -42.41 33.05
N ARG A 182 -10.93 -42.08 31.91
CA ARG A 182 -11.79 -40.89 31.86
C ARG A 182 -12.84 -40.88 32.96
N LEU B 1 -3.00 35.56 2.58
CA LEU B 1 -3.68 34.28 2.69
C LEU B 1 -4.97 34.29 1.88
N ASN B 2 -4.97 33.57 0.76
CA ASN B 2 -6.10 33.54 -0.16
C ASN B 2 -6.92 32.31 0.19
N LEU B 3 -7.88 32.51 1.09
CA LEU B 3 -8.67 31.42 1.65
C LEU B 3 -9.49 30.70 0.58
N ASP B 4 -10.03 31.45 -0.38
CA ASP B 4 -10.95 30.90 -1.37
C ASP B 4 -10.29 29.96 -2.38
N SER B 5 -9.03 30.17 -2.76
CA SER B 5 -8.41 29.19 -3.65
C SER B 5 -8.18 27.86 -2.95
N ILE B 6 -7.72 27.87 -1.69
CA ILE B 6 -7.57 26.62 -0.93
C ILE B 6 -8.93 25.95 -0.73
N ILE B 7 -9.92 26.73 -0.28
CA ILE B 7 -11.24 26.19 -0.05
C ILE B 7 -11.87 25.74 -1.35
N GLY B 8 -11.68 26.52 -2.42
CA GLY B 8 -12.23 26.15 -3.71
C GLY B 8 -11.72 24.81 -4.20
N ARG B 9 -10.42 24.56 -4.06
CA ARG B 9 -9.85 23.30 -4.50
C ARG B 9 -10.39 22.14 -3.67
N LEU B 10 -10.51 22.35 -2.35
CA LEU B 10 -11.07 21.31 -1.51
C LEU B 10 -12.51 20.98 -1.90
N LEU B 11 -13.30 21.99 -2.27
CA LEU B 11 -14.70 21.72 -2.52
C LEU B 11 -15.02 21.28 -3.95
N GLU B 12 -14.08 21.47 -4.89
CA GLU B 12 -14.36 21.12 -6.28
C GLU B 12 -14.69 19.64 -6.44
N VAL B 13 -14.09 18.80 -5.58
CA VAL B 13 -14.20 17.34 -5.69
C VAL B 13 -15.46 16.78 -5.10
N GLN B 14 -16.34 17.63 -4.56
CA GLN B 14 -17.63 17.20 -4.04
C GLN B 14 -18.42 16.47 -5.12
N GLY B 15 -18.97 15.29 -4.77
CA GLY B 15 -19.75 14.54 -5.73
C GLY B 15 -18.99 13.51 -6.53
N SER B 16 -17.65 13.53 -6.50
CA SER B 16 -16.86 12.49 -7.14
C SER B 16 -17.01 11.15 -6.42
N ARG B 17 -16.45 10.12 -7.04
CA ARG B 17 -16.37 8.82 -6.40
C ARG B 17 -15.51 8.91 -5.15
N PRO B 18 -16.04 8.50 -3.99
CA PRO B 18 -15.26 8.50 -2.75
C PRO B 18 -13.88 7.88 -2.88
N GLY B 19 -13.01 8.32 -1.97
CA GLY B 19 -11.63 7.87 -1.93
C GLY B 19 -10.62 8.85 -2.46
N LYS B 20 -11.02 9.78 -3.33
CA LYS B 20 -10.11 10.74 -3.92
C LYS B 20 -9.49 11.66 -2.88
N ASN B 21 -8.16 11.70 -2.87
CA ASN B 21 -7.37 12.45 -1.92
C ASN B 21 -7.33 13.91 -2.40
N VAL B 22 -7.08 14.84 -1.47
CA VAL B 22 -6.71 16.22 -1.80
C VAL B 22 -5.34 16.51 -1.18
N GLN B 23 -4.37 16.85 -2.02
CA GLN B 23 -3.00 17.06 -1.53
C GLN B 23 -2.62 18.53 -1.58
N LEU B 24 -2.80 19.22 -0.46
CA LEU B 24 -2.30 20.58 -0.41
C LEU B 24 -0.77 20.53 -0.25
N THR B 25 -0.12 21.67 -0.45
CA THR B 25 1.31 21.68 -0.23
C THR B 25 1.57 21.77 1.27
N GLU B 26 2.76 21.34 1.68
CA GLU B 26 3.11 21.46 3.09
C GLU B 26 3.07 22.91 3.55
N ASN B 27 3.55 23.83 2.71
CA ASN B 27 3.54 25.24 3.10
C ASN B 27 2.12 25.81 3.18
N GLU B 28 1.22 25.36 2.29
CA GLU B 28 -0.17 25.81 2.37
C GLU B 28 -0.83 25.38 3.67
N ILE B 29 -0.72 24.10 4.04
CA ILE B 29 -1.42 23.65 5.25
C ILE B 29 -0.81 24.29 6.48
N ARG B 30 0.51 24.41 6.51
CA ARG B 30 1.14 25.28 7.48
C ARG B 30 0.55 26.68 7.41
N GLY B 31 0.27 27.16 6.19
CA GLY B 31 -0.45 28.42 6.06
C GLY B 31 -1.83 28.36 6.68
N LEU B 32 -2.57 27.27 6.45
CA LEU B 32 -3.87 27.11 7.10
C LEU B 32 -3.71 27.10 8.61
N CYS B 33 -2.68 26.40 9.10
CA CYS B 33 -2.44 26.32 10.53
C CYS B 33 -2.05 27.67 11.13
N LEU B 34 -1.15 28.38 10.45
CA LEU B 34 -0.63 29.62 11.03
C LEU B 34 -1.68 30.72 11.08
N LYS B 35 -2.65 30.72 10.17
CA LYS B 35 -3.69 31.74 10.18
C LYS B 35 -4.93 31.30 10.95
N SER B 36 -4.93 30.10 11.51
CA SER B 36 -6.11 29.55 12.17
C SER B 36 -6.19 29.88 13.66
N ARG B 37 -5.04 29.92 14.34
CA ARG B 37 -5.01 29.94 15.80
C ARG B 37 -5.20 31.33 16.41
N GLU B 38 -5.49 32.35 15.61
CA GLU B 38 -5.52 33.73 16.08
C GLU B 38 -6.91 34.19 16.51
N ILE B 39 -7.94 33.84 15.74
CA ILE B 39 -9.31 34.20 16.06
C ILE B 39 -9.80 33.52 17.34
N PHE B 40 -9.49 32.23 17.54
CA PHE B 40 -9.92 31.56 18.77
C PHE B 40 -9.44 32.27 20.02
N LEU B 41 -8.16 32.68 20.05
CA LEU B 41 -7.65 33.35 21.24
C LEU B 41 -8.29 34.72 21.47
N SER B 42 -8.74 35.36 20.40
CA SER B 42 -9.35 36.70 20.46
C SER B 42 -10.80 36.69 20.94
N GLN B 43 -11.46 35.53 20.95
CA GLN B 43 -12.84 35.41 21.41
C GLN B 43 -12.94 34.75 22.79
N PRO B 44 -14.05 34.96 23.49
CA PRO B 44 -14.17 34.43 24.86
C PRO B 44 -14.19 32.92 24.89
N ILE B 45 -13.81 32.38 26.05
CA ILE B 45 -13.86 30.93 26.22
C ILE B 45 -15.29 30.43 26.39
N LEU B 46 -16.19 31.28 26.85
CA LEU B 46 -17.62 30.98 26.88
C LEU B 46 -18.33 31.87 25.87
N LEU B 47 -18.69 31.30 24.73
CA LEU B 47 -19.27 32.09 23.65
C LEU B 47 -20.72 32.47 23.98
N GLU B 48 -21.11 33.65 23.51
CA GLU B 48 -22.47 34.15 23.60
C GLU B 48 -22.99 34.38 22.18
N LEU B 49 -23.92 33.52 21.75
CA LEU B 49 -24.32 33.42 20.35
C LEU B 49 -25.78 33.81 20.18
N GLU B 50 -26.15 34.09 18.93
CA GLU B 50 -27.50 34.47 18.55
C GLU B 50 -28.09 33.47 17.57
N ALA B 51 -29.41 33.25 17.67
CA ALA B 51 -30.17 32.52 16.67
C ALA B 51 -30.56 33.44 15.52
N PRO B 52 -30.88 32.88 14.34
CA PRO B 52 -31.00 31.47 13.93
C PRO B 52 -29.67 30.76 13.76
N LEU B 53 -29.70 29.44 13.96
CA LEU B 53 -28.53 28.65 13.67
C LEU B 53 -28.91 27.19 13.51
N LYS B 54 -27.99 26.43 12.95
CA LYS B 54 -28.08 24.99 12.79
C LYS B 54 -27.08 24.35 13.75
N ILE B 55 -27.49 23.26 14.41
CA ILE B 55 -26.62 22.60 15.38
C ILE B 55 -26.38 21.17 14.91
N CYS B 56 -25.15 20.69 15.06
CA CYS B 56 -24.76 19.38 14.56
C CYS B 56 -23.68 18.77 15.45
N GLY B 57 -23.61 17.45 15.43
CA GLY B 57 -22.82 16.69 16.38
C GLY B 57 -21.53 16.12 15.81
N ALA B 58 -21.12 14.98 16.36
CA ALA B 58 -19.80 14.42 16.09
C ALA B 58 -19.66 13.97 14.64
N ILE B 59 -18.42 14.05 14.14
CA ILE B 59 -18.13 13.80 12.74
C ILE B 59 -17.15 12.64 12.57
N HIS B 60 -16.14 12.56 13.42
CA HIS B 60 -15.18 11.47 13.44
C HIS B 60 -14.61 11.22 12.05
N GLY B 61 -14.20 12.29 11.39
CA GLY B 61 -13.46 12.16 10.15
C GLY B 61 -14.20 11.66 8.94
N GLN B 62 -15.52 11.58 8.98
CA GLN B 62 -16.26 11.12 7.80
C GLN B 62 -16.49 12.33 6.91
N TYR B 63 -15.42 12.72 6.21
CA TYR B 63 -15.36 13.96 5.45
C TYR B 63 -16.43 14.04 4.38
N TYR B 64 -16.66 12.94 3.66
CA TYR B 64 -17.67 13.02 2.60
C TYR B 64 -19.06 13.24 3.17
N ASP B 65 -19.30 12.76 4.40
CA ASP B 65 -20.57 13.06 5.06
C ASP B 65 -20.66 14.50 5.54
N LEU B 66 -19.56 15.07 6.01
CA LEU B 66 -19.57 16.51 6.31
C LEU B 66 -19.96 17.34 5.10
N LEU B 67 -19.39 17.02 3.92
CA LEU B 67 -19.74 17.78 2.72
C LEU B 67 -21.21 17.60 2.37
N ARG B 68 -21.72 16.38 2.56
CA ARG B 68 -23.13 16.07 2.37
C ARG B 68 -24.02 16.77 3.40
N LEU B 69 -23.53 16.88 4.63
CA LEU B 69 -24.27 17.56 5.69
C LEU B 69 -24.59 19.02 5.37
N PHE B 70 -23.63 19.79 4.86
CA PHE B 70 -23.93 21.18 4.52
C PHE B 70 -24.89 21.35 3.33
N GLU B 71 -25.18 20.29 2.57
CA GLU B 71 -26.00 20.45 1.37
C GLU B 71 -27.47 20.68 1.67
N TYR B 72 -27.90 20.58 2.93
CA TYR B 72 -29.30 20.51 3.28
C TYR B 72 -29.77 21.66 4.16
N GLY B 73 -28.94 22.14 5.09
CA GLY B 73 -29.41 23.08 6.08
C GLY B 73 -29.12 24.50 5.65
N GLY B 74 -28.24 24.63 4.65
CA GLY B 74 -27.76 25.91 4.18
C GLY B 74 -26.35 26.35 4.53
N PHE B 75 -25.60 26.71 3.51
CA PHE B 75 -24.24 27.20 3.70
C PHE B 75 -24.24 28.60 4.33
N PRO B 76 -23.29 28.87 5.21
CA PRO B 76 -23.12 30.21 5.77
C PRO B 76 -23.02 31.29 4.69
N PRO B 77 -23.63 32.46 4.90
CA PRO B 77 -24.30 32.70 6.17
C PRO B 77 -25.82 32.60 6.18
N GLU B 78 -26.45 31.85 5.27
CA GLU B 78 -27.91 31.77 5.30
C GLU B 78 -28.42 31.10 6.57
N SER B 79 -27.53 30.42 7.30
CA SER B 79 -27.87 29.74 8.54
C SER B 79 -26.56 29.43 9.27
N ASN B 80 -26.58 29.66 10.59
CA ASN B 80 -25.39 29.58 11.43
C ASN B 80 -25.18 28.15 11.91
N TYR B 81 -23.90 27.76 12.12
CA TYR B 81 -23.60 26.41 12.59
C TYR B 81 -22.67 26.40 13.79
N LEU B 82 -22.94 25.47 14.70
CA LEU B 82 -22.03 25.05 15.76
C LEU B 82 -21.87 23.53 15.75
N PHE B 83 -20.63 23.06 15.65
CA PHE B 83 -20.32 21.64 15.76
C PHE B 83 -19.72 21.38 17.13
N LEU B 84 -19.98 20.19 17.67
CA LEU B 84 -19.62 19.89 19.05
C LEU B 84 -18.37 19.03 19.23
N GLY B 85 -17.59 18.78 18.18
CA GLY B 85 -16.33 18.08 18.40
C GLY B 85 -16.34 16.65 17.89
N ASP B 86 -15.23 15.97 18.15
CA ASP B 86 -14.99 14.59 17.75
C ASP B 86 -15.04 14.44 16.22
N TYR B 87 -14.10 15.13 15.58
CA TYR B 87 -13.96 15.04 14.13
C TYR B 87 -12.56 14.63 13.67
N VAL B 88 -11.71 14.15 14.57
CA VAL B 88 -10.32 13.93 14.17
C VAL B 88 -9.86 12.49 14.29
N ASP B 89 -10.74 11.54 14.55
CA ASP B 89 -10.26 10.17 14.72
C ASP B 89 -11.10 9.12 14.00
N ARG B 90 -10.43 8.00 13.67
CA ARG B 90 -11.07 6.82 13.09
C ARG B 90 -11.47 6.95 11.63
N GLY B 91 -11.99 8.10 11.22
CA GLY B 91 -12.37 8.12 9.83
C GLY B 91 -11.17 8.31 8.92
N LYS B 92 -11.39 8.39 7.60
CA LYS B 92 -10.25 8.34 6.68
C LYS B 92 -9.72 9.72 6.31
N GLN B 93 -10.51 10.77 6.52
CA GLN B 93 -10.12 12.09 6.03
C GLN B 93 -10.38 13.09 7.13
N SER B 94 -9.79 12.82 8.30
CA SER B 94 -9.80 13.77 9.40
C SER B 94 -9.13 15.08 9.03
N LEU B 95 -8.04 15.00 8.26
CA LEU B 95 -7.27 16.20 7.93
C LEU B 95 -8.09 17.16 7.12
N GLU B 96 -8.77 16.66 6.08
CA GLU B 96 -9.59 17.54 5.26
C GLU B 96 -10.68 18.17 6.11
N THR B 97 -11.26 17.40 7.03
CA THR B 97 -12.34 17.90 7.86
C THR B 97 -11.86 19.07 8.70
N ILE B 98 -10.81 18.86 9.49
CA ILE B 98 -10.36 19.93 10.37
C ILE B 98 -9.80 21.10 9.59
N CYS B 99 -9.15 20.85 8.46
CA CYS B 99 -8.58 21.94 7.69
C CYS B 99 -9.68 22.80 7.09
N LEU B 100 -10.76 22.16 6.64
CA LEU B 100 -11.91 22.87 6.10
C LEU B 100 -12.61 23.70 7.17
N LEU B 101 -12.77 23.14 8.36
CA LEU B 101 -13.45 23.84 9.44
C LEU B 101 -12.69 25.08 9.90
N LEU B 102 -11.36 25.00 10.00
CA LEU B 102 -10.62 26.19 10.39
C LEU B 102 -10.67 27.26 9.30
N ALA B 103 -10.64 26.85 8.04
CA ALA B 103 -10.74 27.85 6.97
C ALA B 103 -12.08 28.56 7.03
N TYR B 104 -13.15 27.82 7.31
CA TYR B 104 -14.45 28.45 7.45
C TYR B 104 -14.53 29.28 8.71
N LYS B 105 -13.82 28.87 9.76
CA LYS B 105 -13.77 29.66 10.98
C LYS B 105 -13.17 31.02 10.71
N ILE B 106 -12.13 31.08 9.88
CA ILE B 106 -11.47 32.35 9.58
C ILE B 106 -12.37 33.22 8.71
N LYS B 107 -13.06 32.61 7.75
CA LYS B 107 -13.95 33.36 6.88
C LYS B 107 -15.14 33.94 7.66
N TYR B 108 -15.70 33.17 8.58
CA TYR B 108 -16.98 33.51 9.20
C TYR B 108 -16.88 33.39 10.71
N PRO B 109 -16.01 34.20 11.35
CA PRO B 109 -15.67 33.91 12.76
C PRO B 109 -16.84 34.17 13.67
N GLU B 110 -17.83 34.92 13.22
CA GLU B 110 -19.01 35.22 13.99
C GLU B 110 -20.21 34.39 13.58
N ASN B 111 -20.03 33.44 12.65
CA ASN B 111 -21.15 32.63 12.18
C ASN B 111 -20.87 31.13 12.18
N PHE B 112 -19.72 30.70 12.69
CA PHE B 112 -19.33 29.30 12.63
C PHE B 112 -18.50 29.00 13.86
N PHE B 113 -18.87 27.98 14.63
CA PHE B 113 -18.24 27.79 15.92
C PHE B 113 -17.92 26.33 16.16
N LEU B 114 -16.76 26.07 16.75
CA LEU B 114 -16.29 24.71 17.04
C LEU B 114 -15.95 24.58 18.52
N LEU B 115 -16.50 23.56 19.18
CA LEU B 115 -16.08 23.20 20.52
C LEU B 115 -15.04 22.09 20.51
N ARG B 116 -14.40 21.92 21.67
CA ARG B 116 -13.41 20.88 21.89
C ARG B 116 -14.09 19.58 22.26
N GLY B 117 -13.72 18.51 21.57
CA GLY B 117 -14.12 17.18 21.97
C GLY B 117 -13.01 16.44 22.68
N ASN B 118 -13.36 15.30 23.25
CA ASN B 118 -12.38 14.49 23.96
C ASN B 118 -11.31 13.94 23.02
N HIS B 119 -11.57 13.92 21.71
CA HIS B 119 -10.54 13.49 20.78
C HIS B 119 -9.58 14.63 20.43
N GLU B 120 -9.87 15.84 20.89
CA GLU B 120 -8.96 16.96 20.74
C GLU B 120 -8.00 16.98 21.94
N CYS B 121 -7.16 15.95 21.97
CA CYS B 121 -6.35 15.62 23.12
C CYS B 121 -5.20 14.76 22.63
N ALA B 122 -3.97 15.16 22.95
CA ALA B 122 -2.80 14.49 22.40
C ALA B 122 -2.80 13.01 22.74
N SER B 123 -3.13 12.65 23.96
CA SER B 123 -3.03 11.24 24.33
C SER B 123 -4.10 10.39 23.64
N ILE B 124 -5.22 10.99 23.22
CA ILE B 124 -6.25 10.23 22.51
C ILE B 124 -5.91 10.07 21.04
N ASN B 125 -5.82 11.18 20.31
CA ASN B 125 -5.58 11.02 18.88
C ASN B 125 -4.18 10.51 18.58
N ARG B 126 -3.38 10.26 19.62
CA ARG B 126 -2.20 9.43 19.48
C ARG B 126 -2.59 7.98 19.24
N ILE B 127 -3.65 7.52 19.90
CA ILE B 127 -4.02 6.11 19.89
C ILE B 127 -4.96 5.80 18.74
N TYR B 128 -5.90 6.67 18.42
CA TYR B 128 -7.06 6.31 17.62
C TYR B 128 -6.95 6.79 16.19
N GLY B 129 -5.78 7.23 15.75
CA GLY B 129 -5.59 7.34 14.32
C GLY B 129 -4.96 8.61 13.82
N PHE B 130 -5.26 9.74 14.48
CA PHE B 130 -4.88 11.02 13.92
C PHE B 130 -3.37 11.24 13.94
N TYR B 131 -2.69 10.81 15.00
CA TYR B 131 -1.23 10.90 15.01
C TYR B 131 -0.66 10.14 13.82
N ASP B 132 -1.16 8.92 13.62
CA ASP B 132 -0.70 8.04 12.56
C ASP B 132 -1.05 8.62 11.20
N GLU B 133 -2.22 9.25 11.08
CA GLU B 133 -2.69 9.79 9.81
C GLU B 133 -1.79 10.91 9.31
N CYS B 134 -1.36 11.79 10.22
CA CYS B 134 -0.43 12.84 9.81
C CYS B 134 0.89 12.27 9.31
N LYS B 135 1.42 11.24 9.99
CA LYS B 135 2.69 10.65 9.58
C LYS B 135 2.67 10.06 8.16
N ARG B 136 1.59 9.40 7.76
CA ARG B 136 1.60 8.82 6.42
C ARG B 136 1.54 9.89 5.35
N ARG B 137 0.62 10.85 5.51
CA ARG B 137 0.33 11.79 4.43
C ARG B 137 1.10 13.10 4.58
N TYR B 138 1.60 13.39 5.77
CA TYR B 138 2.37 14.63 5.94
C TYR B 138 3.62 14.35 6.76
N ASN B 139 3.77 15.01 7.91
CA ASN B 139 4.89 14.68 8.80
C ASN B 139 4.58 15.10 10.22
N ILE B 140 5.43 14.65 11.14
CA ILE B 140 5.22 14.88 12.57
C ILE B 140 5.53 16.30 13.04
N LYS B 141 6.39 17.04 12.34
CA LYS B 141 6.60 18.44 12.71
C LYS B 141 5.30 19.24 12.57
N LEU B 142 4.53 18.97 11.52
CA LEU B 142 3.24 19.62 11.30
C LEU B 142 2.20 19.17 12.31
N TRP B 143 2.27 17.92 12.76
CA TRP B 143 1.43 17.44 13.86
C TRP B 143 1.58 18.33 15.09
N LYS B 144 2.81 18.74 15.41
CA LYS B 144 3.05 19.59 16.56
C LYS B 144 2.32 20.93 16.41
N THR B 145 2.26 21.47 15.20
CA THR B 145 1.46 22.67 15.01
C THR B 145 -0.01 22.41 15.41
N PHE B 146 -0.57 21.25 15.03
CA PHE B 146 -1.93 20.90 15.47
C PHE B 146 -2.07 20.83 16.99
N THR B 147 -1.07 20.32 17.70
CA THR B 147 -1.22 20.23 19.14
C THR B 147 -1.12 21.57 19.84
N ASP B 148 -1.18 22.67 19.08
CA ASP B 148 -1.14 24.02 19.61
C ASP B 148 -2.48 24.75 19.50
N CYS B 149 -3.25 24.48 18.44
CA CYS B 149 -4.57 25.07 18.26
C CYS B 149 -5.61 24.46 19.21
N PHE B 150 -5.64 23.13 19.30
CA PHE B 150 -6.54 22.43 20.22
C PHE B 150 -6.47 22.95 21.64
N ASN B 151 -5.28 23.32 22.11
CA ASN B 151 -5.21 23.73 23.51
C ASN B 151 -5.95 25.05 23.81
N CYS B 152 -6.44 25.77 22.80
CA CYS B 152 -7.17 27.00 23.00
C CYS B 152 -8.64 26.91 22.60
N LEU B 153 -9.13 25.73 22.22
CA LEU B 153 -10.52 25.58 21.85
C LEU B 153 -11.47 25.80 23.02
N PRO B 154 -12.67 26.35 22.76
CA PRO B 154 -13.71 26.43 23.80
C PRO B 154 -14.24 25.05 24.16
N ILE B 155 -15.11 24.96 25.17
CA ILE B 155 -15.65 23.67 25.56
C ILE B 155 -17.17 23.63 25.68
N ALA B 156 -17.88 24.73 25.90
CA ALA B 156 -19.32 24.64 26.05
C ALA B 156 -19.99 25.93 25.57
N ALA B 157 -21.30 25.85 25.40
CA ALA B 157 -22.11 26.99 24.97
C ALA B 157 -23.48 26.91 25.61
N ILE B 158 -24.07 28.08 25.90
CA ILE B 158 -25.45 28.18 26.34
C ILE B 158 -26.21 29.06 25.35
N VAL B 159 -27.30 28.55 24.80
CA VAL B 159 -28.10 29.33 23.86
C VAL B 159 -29.22 30.04 24.62
N ASP B 160 -29.19 31.37 24.60
CA ASP B 160 -30.23 32.23 25.18
C ASP B 160 -30.65 31.79 26.59
N GLU B 161 -29.69 31.33 27.40
CA GLU B 161 -29.96 30.95 28.77
C GLU B 161 -30.97 29.81 28.89
N LYS B 162 -31.21 29.04 27.82
CA LYS B 162 -32.30 28.08 27.90
C LYS B 162 -31.86 26.70 27.43
N ILE B 163 -30.91 26.63 26.50
CA ILE B 163 -30.39 25.36 26.01
C ILE B 163 -28.90 25.32 26.38
N PHE B 164 -28.53 24.43 27.28
CA PHE B 164 -27.13 24.27 27.66
C PHE B 164 -26.46 23.22 26.78
N CYS B 165 -25.37 23.60 26.09
CA CYS B 165 -24.72 22.71 25.15
C CYS B 165 -23.28 22.52 25.55
N CYS B 166 -22.81 21.27 25.51
CA CYS B 166 -21.40 20.96 25.70
C CYS B 166 -21.13 19.58 25.15
N HIS B 167 -19.86 19.20 25.09
CA HIS B 167 -19.53 17.92 24.48
C HIS B 167 -19.91 16.74 25.36
N GLY B 168 -19.45 16.74 26.61
CA GLY B 168 -19.72 15.63 27.52
C GLY B 168 -20.97 15.83 28.35
N GLY B 169 -20.83 16.52 29.48
CA GLY B 169 -21.96 16.75 30.37
C GLY B 169 -21.62 17.53 31.62
N LEU B 170 -22.40 17.34 32.68
CA LEU B 170 -22.24 18.12 33.90
C LEU B 170 -21.16 17.56 34.81
N SER B 171 -20.81 18.37 35.82
CA SER B 171 -19.78 18.11 36.82
C SER B 171 -20.33 18.46 38.20
N PRO B 172 -20.03 17.67 39.24
CA PRO B 172 -20.40 18.07 40.60
C PRO B 172 -19.66 19.30 41.12
N ASP B 173 -18.62 19.79 40.42
CA ASP B 173 -17.90 20.98 40.82
C ASP B 173 -18.36 22.26 40.13
N LEU B 174 -19.33 22.21 39.23
CA LEU B 174 -19.75 23.39 38.47
C LEU B 174 -20.90 24.09 39.18
N GLN B 175 -20.59 25.13 39.97
CA GLN B 175 -21.60 25.89 40.69
C GLN B 175 -21.90 27.25 40.07
N SER B 176 -20.89 27.87 39.45
CA SER B 176 -21.01 29.19 38.83
C SER B 176 -20.34 29.13 37.47
N MET B 177 -20.86 29.90 36.51
CA MET B 177 -20.23 29.98 35.20
C MET B 177 -18.82 30.58 35.27
N GLU B 178 -18.54 31.39 36.29
CA GLU B 178 -17.20 31.97 36.46
C GLU B 178 -16.11 30.91 36.62
N GLN B 179 -16.45 29.75 37.19
CA GLN B 179 -15.47 28.69 37.35
C GLN B 179 -14.95 28.17 36.01
N ILE B 180 -15.77 28.24 34.96
CA ILE B 180 -15.31 27.87 33.63
C ILE B 180 -14.43 28.95 33.03
N ARG B 181 -14.85 30.21 33.14
CA ARG B 181 -14.09 31.33 32.58
C ARG B 181 -12.67 31.40 33.14
N ARG B 182 -12.45 30.92 34.36
CA ARG B 182 -11.15 31.06 35.01
C ARG B 182 -10.12 30.02 34.55
N ILE B 183 -10.55 28.97 33.84
CA ILE B 183 -9.61 27.94 33.40
C ILE B 183 -8.72 28.58 32.35
N MET B 184 -7.40 28.48 32.53
CA MET B 184 -6.50 29.17 31.63
C MET B 184 -6.08 28.32 30.44
N ARG B 185 -5.88 29.00 29.31
CA ARG B 185 -5.46 28.43 28.05
C ARG B 185 -4.19 29.13 27.56
N PRO B 186 -3.34 28.43 26.77
CA PRO B 186 -3.53 27.07 26.28
C PRO B 186 -3.37 26.08 27.42
N THR B 187 -4.01 24.91 27.33
CA THR B 187 -3.84 23.90 28.35
C THR B 187 -3.94 22.51 27.75
N ASP B 188 -3.27 21.58 28.41
CA ASP B 188 -3.50 20.18 28.16
C ASP B 188 -4.75 19.79 28.95
N VAL B 189 -5.25 18.58 28.72
CA VAL B 189 -6.34 18.04 29.52
C VAL B 189 -5.73 17.39 30.76
N PRO B 190 -6.03 17.87 31.96
CA PRO B 190 -5.44 17.31 33.16
C PRO B 190 -6.01 15.94 33.47
N ASP B 191 -5.35 15.26 34.40
CA ASP B 191 -5.74 13.90 34.74
C ASP B 191 -6.94 13.90 35.68
N GLN B 192 -7.34 15.07 36.17
CA GLN B 192 -8.54 15.22 36.99
C GLN B 192 -8.95 16.69 36.95
N GLY B 193 -10.19 16.94 37.34
CA GLY B 193 -10.72 18.29 37.45
C GLY B 193 -11.81 18.59 36.44
N LEU B 194 -12.28 19.84 36.52
CA LEU B 194 -13.43 20.30 35.74
C LEU B 194 -13.27 20.04 34.25
N LEU B 195 -12.16 20.49 33.67
CA LEU B 195 -11.99 20.44 32.21
C LEU B 195 -12.16 19.02 31.71
N CYS B 196 -11.54 18.07 32.39
CA CYS B 196 -11.70 16.65 32.09
C CYS B 196 -13.16 16.23 32.15
N ASP B 197 -13.84 16.54 33.26
CA ASP B 197 -15.21 16.10 33.47
C ASP B 197 -16.16 16.59 32.38
N LEU B 198 -16.00 17.84 31.94
CA LEU B 198 -16.84 18.42 30.89
C LEU B 198 -16.75 17.70 29.55
N LEU B 199 -15.64 17.01 29.29
CA LEU B 199 -15.40 16.33 28.03
C LEU B 199 -15.69 14.83 28.02
N TRP B 200 -15.97 14.19 29.14
CA TRP B 200 -15.99 12.73 29.11
C TRP B 200 -17.23 12.05 29.68
N SER B 201 -18.06 12.72 30.48
CA SER B 201 -19.10 11.96 31.16
C SER B 201 -20.25 11.61 30.21
N ASP B 202 -21.05 10.63 30.62
CA ASP B 202 -22.19 10.16 29.83
C ASP B 202 -23.40 9.92 30.73
N PRO B 203 -24.60 10.14 30.21
CA PRO B 203 -25.82 9.76 30.93
C PRO B 203 -26.10 8.26 30.92
N ASP B 204 -26.86 7.83 31.94
CA ASP B 204 -27.27 6.44 32.10
C ASP B 204 -28.66 6.45 32.72
N LYS B 205 -29.58 5.72 32.09
CA LYS B 205 -30.97 5.65 32.50
C LYS B 205 -31.20 4.91 33.81
N ASP B 206 -30.28 4.06 34.24
CA ASP B 206 -30.54 3.18 35.38
C ASP B 206 -29.75 3.52 36.64
N VAL B 207 -29.22 4.74 36.75
CA VAL B 207 -28.48 5.15 37.94
C VAL B 207 -29.19 6.32 38.59
N GLN B 208 -29.20 6.32 39.92
CA GLN B 208 -29.74 7.38 40.76
C GLN B 208 -28.58 8.14 41.41
N GLY B 209 -28.39 9.38 41.03
CA GLY B 209 -27.28 10.18 41.56
C GLY B 209 -26.00 10.01 40.77
N TRP B 210 -24.91 9.67 41.46
CA TRP B 210 -23.61 9.58 40.80
C TRP B 210 -23.17 8.12 40.72
N GLY B 211 -22.69 7.70 39.54
CA GLY B 211 -22.25 6.34 39.34
C GLY B 211 -20.85 6.29 38.74
N GLU B 212 -20.30 5.08 38.66
CA GLU B 212 -18.96 4.91 38.10
C GLU B 212 -19.01 4.87 36.56
N ASN B 213 -18.14 5.64 35.92
CA ASN B 213 -18.11 5.75 34.47
C ASN B 213 -17.23 4.70 33.82
N ASP B 214 -17.78 3.99 32.82
CA ASP B 214 -16.97 3.04 32.08
C ASP B 214 -15.76 3.69 31.42
N ARG B 215 -15.79 5.01 31.19
CA ARG B 215 -14.66 5.70 30.59
C ARG B 215 -13.44 5.80 31.51
N GLY B 216 -13.60 5.51 32.79
CA GLY B 216 -12.51 5.68 33.73
C GLY B 216 -12.09 7.03 34.28
N VAL B 217 -11.52 7.86 33.41
CA VAL B 217 -11.06 9.20 33.76
C VAL B 217 -12.20 10.16 34.09
N SER B 218 -13.44 9.67 34.08
CA SER B 218 -14.52 10.53 34.55
C SER B 218 -15.62 9.75 35.25
N PHE B 219 -16.85 10.26 35.20
CA PHE B 219 -17.93 9.75 36.03
C PHE B 219 -19.19 9.65 35.17
N THR B 220 -20.17 8.95 35.72
CA THR B 220 -21.57 8.97 35.27
C THR B 220 -22.42 9.76 36.25
N PHE B 221 -23.57 10.23 35.75
CA PHE B 221 -24.55 10.95 36.55
C PHE B 221 -25.94 10.44 36.20
N GLY B 222 -26.82 10.40 37.20
CA GLY B 222 -28.16 9.89 37.04
C GLY B 222 -29.23 10.95 36.80
N ALA B 223 -30.47 10.46 36.72
CA ALA B 223 -31.61 11.29 36.37
C ALA B 223 -31.86 12.38 37.40
N GLU B 224 -31.66 12.08 38.68
CA GLU B 224 -31.89 13.08 39.73
C GLU B 224 -30.82 14.17 39.76
N VAL B 225 -29.59 13.86 39.33
CA VAL B 225 -28.54 14.87 39.17
C VAL B 225 -28.92 15.89 38.11
N VAL B 226 -29.51 15.43 37.00
CA VAL B 226 -29.91 16.31 35.91
C VAL B 226 -30.95 17.34 36.36
N ALA B 227 -31.99 16.89 37.06
CA ALA B 227 -33.08 17.79 37.45
C ALA B 227 -32.62 18.94 38.34
N LYS B 228 -31.76 18.67 39.32
CA LYS B 228 -31.31 19.73 40.23
C LYS B 228 -30.54 20.85 39.54
N PHE B 229 -29.63 20.53 38.61
CA PHE B 229 -28.88 21.61 37.96
C PHE B 229 -29.78 22.52 37.13
N LEU B 230 -30.68 21.95 36.32
CA LEU B 230 -31.59 22.74 35.51
C LEU B 230 -32.50 23.59 36.40
N HIS B 231 -32.94 23.01 37.51
CA HIS B 231 -33.85 23.65 38.46
C HIS B 231 -33.21 24.85 39.13
N LYS B 232 -31.95 24.74 39.59
CA LYS B 232 -31.30 25.86 40.27
C LYS B 232 -31.29 27.11 39.41
N HIS B 233 -31.01 26.97 38.12
CA HIS B 233 -30.88 28.11 37.22
C HIS B 233 -32.12 28.29 36.35
N ASP B 234 -33.21 27.56 36.64
CA ASP B 234 -34.47 27.72 35.92
C ASP B 234 -34.25 27.41 34.43
N LEU B 235 -33.54 26.32 34.18
CA LEU B 235 -33.24 25.89 32.82
C LEU B 235 -34.07 24.66 32.45
N ASP B 236 -34.16 24.43 31.14
CA ASP B 236 -34.90 23.33 30.55
C ASP B 236 -33.96 22.25 30.00
N LEU B 237 -34.55 21.33 29.24
CA LEU B 237 -33.88 20.11 28.80
C LEU B 237 -32.60 20.42 28.04
N ILE B 238 -31.72 19.42 27.95
CA ILE B 238 -30.34 19.60 27.53
C ILE B 238 -30.03 18.72 26.32
N CYS B 239 -29.24 19.29 25.40
CA CYS B 239 -28.90 18.66 24.14
C CYS B 239 -27.39 18.60 23.97
N ARG B 240 -26.85 17.38 23.84
CA ARG B 240 -25.42 17.26 23.72
C ARG B 240 -25.07 16.19 22.68
N ALA B 241 -23.79 16.03 22.40
CA ALA B 241 -23.31 15.15 21.33
C ALA B 241 -22.09 14.35 21.78
N HIS B 242 -22.28 13.23 22.48
CA HIS B 242 -21.15 12.30 22.52
C HIS B 242 -21.58 10.92 22.97
N GLN B 243 -21.92 10.07 22.00
CA GLN B 243 -22.35 8.68 22.15
C GLN B 243 -22.57 8.10 20.76
N VAL B 244 -22.90 6.81 20.68
CA VAL B 244 -23.33 6.21 19.42
C VAL B 244 -24.70 5.58 19.65
N VAL B 245 -25.71 6.08 18.93
CA VAL B 245 -27.08 5.60 19.10
C VAL B 245 -27.63 5.16 17.76
N GLU B 246 -28.36 4.04 17.79
CA GLU B 246 -28.78 3.37 16.56
C GLU B 246 -29.66 4.26 15.69
N ASP B 247 -30.49 5.11 16.29
CA ASP B 247 -31.45 5.92 15.55
C ASP B 247 -30.90 7.28 15.12
N GLY B 248 -29.65 7.59 15.43
CA GLY B 248 -29.09 8.88 15.18
C GLY B 248 -29.40 9.85 16.30
N TYR B 249 -30.51 9.63 17.00
CA TYR B 249 -30.84 10.35 18.22
C TYR B 249 -31.54 9.36 19.13
N GLU B 250 -31.42 9.57 20.44
CA GLU B 250 -32.12 8.69 21.36
C GLU B 250 -32.41 9.46 22.64
N PHE B 251 -33.66 9.48 23.06
CA PHE B 251 -34.01 10.12 24.32
C PHE B 251 -33.82 9.10 25.45
N PHE B 252 -33.62 9.58 26.68
CA PHE B 252 -33.42 8.58 27.73
C PHE B 252 -34.07 8.95 29.04
N ALA B 253 -34.55 10.18 29.19
CA ALA B 253 -35.26 10.63 30.39
C ALA B 253 -36.62 11.20 30.06
N LYS B 254 -37.49 10.42 29.41
CA LYS B 254 -38.82 10.90 29.06
C LYS B 254 -38.69 12.20 28.27
N ARG B 255 -37.84 12.13 27.26
CA ARG B 255 -37.56 13.19 26.30
C ARG B 255 -36.92 14.43 26.94
N GLN B 256 -36.24 14.27 28.08
CA GLN B 256 -35.53 15.39 28.68
C GLN B 256 -34.12 15.59 28.13
N LEU B 257 -33.55 14.59 27.46
CA LEU B 257 -32.22 14.73 26.85
C LEU B 257 -32.17 14.04 25.50
N VAL B 258 -31.39 14.61 24.58
CA VAL B 258 -31.11 13.97 23.30
C VAL B 258 -29.61 13.98 23.06
N THR B 259 -29.11 12.87 22.52
CA THR B 259 -27.75 12.67 22.06
C THR B 259 -27.66 12.76 20.54
N LEU B 260 -26.72 13.55 20.05
CA LEU B 260 -26.49 13.66 18.61
C LEU B 260 -25.18 13.03 18.20
N PHE B 261 -25.25 12.27 17.11
CA PHE B 261 -24.09 11.66 16.47
C PHE B 261 -24.33 11.80 14.98
N SER B 262 -23.42 12.44 14.27
CA SER B 262 -23.71 12.93 12.94
C SER B 262 -23.07 12.11 11.83
N ALA B 263 -22.32 11.06 12.16
CA ALA B 263 -21.67 10.27 11.13
C ALA B 263 -22.43 8.98 10.88
N PRO B 264 -23.22 8.88 9.82
CA PRO B 264 -23.98 7.65 9.56
C PRO B 264 -23.07 6.52 9.11
N ASN B 265 -23.57 5.28 9.27
CA ASN B 265 -22.84 4.09 8.83
C ASN B 265 -21.44 4.10 9.45
N TYR B 266 -21.42 4.37 10.75
CA TYR B 266 -20.22 4.82 11.46
C TYR B 266 -19.03 3.90 11.22
N CYS B 267 -18.01 4.47 10.59
CA CYS B 267 -16.76 3.80 10.19
C CYS B 267 -16.98 2.43 9.55
N GLY B 268 -18.07 2.28 8.81
CA GLY B 268 -18.36 1.03 8.13
C GLY B 268 -18.73 -0.15 9.02
N GLU B 269 -18.86 0.05 10.33
CA GLU B 269 -19.13 -1.06 11.22
C GLU B 269 -20.55 -1.11 11.71
N PHE B 270 -21.31 -0.03 11.55
CA PHE B 270 -22.65 0.08 12.09
C PHE B 270 -23.62 0.54 11.00
N ASP B 271 -24.90 0.28 11.24
CA ASP B 271 -25.97 0.69 10.33
C ASP B 271 -26.83 1.77 10.98
N ASN B 272 -26.21 2.61 11.82
CA ASN B 272 -26.90 3.66 12.54
C ASN B 272 -27.14 4.87 11.65
N ALA B 273 -28.21 5.61 11.98
CA ALA B 273 -28.40 6.92 11.40
C ALA B 273 -27.54 7.97 12.08
N GLY B 274 -27.37 9.09 11.39
CA GLY B 274 -26.75 10.30 11.92
C GLY B 274 -27.80 11.39 12.00
N ALA B 275 -27.83 12.16 13.09
CA ALA B 275 -28.85 13.21 13.14
C ALA B 275 -28.28 14.60 13.39
N MET B 276 -29.00 15.58 12.84
CA MET B 276 -28.80 17.01 12.99
C MET B 276 -30.05 17.71 13.52
N MET B 277 -29.91 18.61 14.48
CA MET B 277 -31.05 19.32 15.03
C MET B 277 -31.16 20.67 14.34
N SER B 278 -32.34 20.99 13.83
CA SER B 278 -32.58 22.21 13.09
C SER B 278 -33.44 23.15 13.95
N VAL B 279 -32.88 24.29 14.32
CA VAL B 279 -33.52 25.23 15.23
C VAL B 279 -33.80 26.52 14.47
N ASP B 280 -35.08 26.85 14.31
CA ASP B 280 -35.48 28.02 13.56
C ASP B 280 -35.41 29.27 14.45
N GLU B 281 -35.87 30.41 13.92
CA GLU B 281 -35.70 31.69 14.59
C GLU B 281 -36.46 31.76 15.90
N THR B 282 -37.52 30.96 16.08
CA THR B 282 -38.31 30.96 17.30
C THR B 282 -37.92 29.86 18.27
N LEU B 283 -36.78 29.19 18.05
CA LEU B 283 -36.27 28.15 18.95
C LEU B 283 -37.03 26.84 18.85
N MET B 284 -37.78 26.64 17.78
CA MET B 284 -38.43 25.35 17.57
C MET B 284 -37.41 24.33 17.09
N CYS B 285 -37.50 23.12 17.64
CA CYS B 285 -36.51 22.08 17.43
C CYS B 285 -37.08 21.01 16.50
N SER B 286 -36.31 20.67 15.49
CA SER B 286 -36.58 19.58 14.58
C SER B 286 -35.29 18.78 14.40
N PHE B 287 -35.35 17.69 13.65
CA PHE B 287 -34.24 16.76 13.57
C PHE B 287 -33.97 16.51 12.10
N GLN B 288 -32.71 16.33 11.74
CA GLN B 288 -32.38 15.88 10.39
C GLN B 288 -31.61 14.57 10.49
N ILE B 289 -32.00 13.56 9.73
CA ILE B 289 -31.56 12.19 10.00
C ILE B 289 -31.10 11.55 8.70
N LEU B 290 -29.91 10.99 8.69
CA LEU B 290 -29.45 10.15 7.58
C LEU B 290 -29.78 8.68 7.83
N LYS B 291 -30.81 8.16 7.17
CA LYS B 291 -31.21 6.78 7.38
C LYS B 291 -30.16 5.83 6.81
N PRO B 292 -30.09 4.60 7.33
CA PRO B 292 -29.08 3.65 6.84
C PRO B 292 -29.26 3.28 5.38
N ALA B 293 -28.14 2.91 4.75
CA ALA B 293 -28.13 2.60 3.34
C ALA B 293 -28.91 1.34 3.09
N THR C 6 13.65 9.98 14.96
CA THR C 6 13.51 9.89 13.51
C THR C 6 14.81 9.42 12.87
N ALA C 7 14.71 8.59 11.84
CA ALA C 7 15.88 8.10 11.13
C ALA C 7 15.43 7.31 9.92
N LEU C 8 16.26 7.31 8.88
CA LEU C 8 15.97 6.55 7.68
C LEU C 8 16.79 5.27 7.67
N VAL C 9 16.22 4.23 7.08
CA VAL C 9 16.92 2.98 6.82
C VAL C 9 16.79 2.71 5.33
N CYS C 10 17.92 2.66 4.63
CA CYS C 10 17.91 2.38 3.20
C CYS C 10 18.76 1.13 2.97
N ASP C 11 18.09 0.02 2.72
CA ASP C 11 18.73 -1.25 2.40
C ASP C 11 18.92 -1.35 0.89
N ASN C 12 20.16 -1.21 0.43
CA ASN C 12 20.43 -1.21 -0.99
C ASN C 12 20.72 -2.63 -1.46
N GLY C 13 19.75 -3.23 -2.13
CA GLY C 13 19.93 -4.58 -2.62
C GLY C 13 20.12 -4.71 -4.11
N SER C 14 20.76 -5.79 -4.55
CA SER C 14 20.86 -6.10 -5.97
C SER C 14 19.51 -6.07 -6.66
N GLY C 15 18.53 -6.73 -6.09
CA GLY C 15 17.23 -6.83 -6.72
C GLY C 15 16.27 -5.74 -6.29
N LEU C 16 16.07 -5.59 -4.99
CA LEU C 16 15.05 -4.71 -4.48
C LEU C 16 15.71 -3.76 -3.50
N VAL C 17 15.38 -2.47 -3.57
CA VAL C 17 15.71 -1.51 -2.53
C VAL C 17 14.60 -1.48 -1.50
N LYS C 18 14.96 -1.63 -0.23
CA LYS C 18 14.01 -1.46 0.86
C LYS C 18 14.35 -0.20 1.64
N ALA C 19 13.43 0.75 1.68
CA ALA C 19 13.68 2.04 2.29
C ALA C 19 12.47 2.43 3.15
N GLY C 20 12.73 3.11 4.25
CA GLY C 20 11.64 3.56 5.08
C GLY C 20 12.14 4.33 6.29
N PHE C 21 11.34 4.35 7.34
CA PHE C 21 11.68 5.09 8.55
C PHE C 21 11.93 4.16 9.71
N ALA C 22 12.95 4.47 10.51
CA ALA C 22 13.18 3.77 11.76
C ALA C 22 11.96 3.90 12.66
N GLY C 23 11.49 2.77 13.16
CA GLY C 23 10.31 2.68 13.99
C GLY C 23 9.14 2.01 13.28
N ASP C 24 9.07 2.14 11.97
CA ASP C 24 8.08 1.46 11.17
C ASP C 24 8.42 -0.03 11.07
N ASP C 25 7.39 -0.84 10.95
CA ASP C 25 7.51 -2.29 10.90
C ASP C 25 7.76 -2.85 9.51
N ALA C 26 7.62 -2.05 8.46
CA ALA C 26 7.80 -2.49 7.08
C ALA C 26 8.41 -1.36 6.28
N PRO C 27 9.15 -1.67 5.22
CA PRO C 27 9.64 -0.60 4.33
C PRO C 27 8.51 0.09 3.58
N ARG C 28 8.62 1.41 3.49
CA ARG C 28 7.68 2.22 2.71
C ARG C 28 7.71 1.88 1.23
N ALA C 29 8.91 1.72 0.66
CA ALA C 29 9.09 1.63 -0.78
C ALA C 29 9.90 0.40 -1.11
N VAL C 30 9.40 -0.40 -2.05
CA VAL C 30 10.15 -1.53 -2.57
C VAL C 30 10.06 -1.48 -4.09
N PHE C 31 11.19 -1.33 -4.74
CA PHE C 31 11.26 -1.14 -6.18
C PHE C 31 12.56 -1.70 -6.71
N PRO C 32 12.59 -2.12 -7.97
CA PRO C 32 13.82 -2.67 -8.54
C PRO C 32 14.98 -1.69 -8.50
N SER C 33 16.15 -2.23 -8.16
CA SER C 33 17.41 -1.47 -8.09
C SER C 33 17.95 -1.24 -9.50
N ILE C 34 17.24 -0.45 -10.27
CA ILE C 34 17.54 -0.27 -11.68
C ILE C 34 17.58 1.20 -11.98
N VAL C 35 18.58 1.62 -12.75
CA VAL C 35 18.64 2.94 -13.34
C VAL C 35 18.73 2.78 -14.85
N GLY C 36 17.83 3.44 -15.56
CA GLY C 36 17.80 3.41 -17.01
C GLY C 36 18.03 4.73 -17.72
N ARG C 37 18.90 4.74 -18.74
CA ARG C 37 19.15 5.95 -19.50
C ARG C 37 18.68 5.71 -20.92
N PRO C 38 17.93 6.64 -21.51
CA PRO C 38 17.43 6.48 -22.87
C PRO C 38 18.49 6.20 -23.92
N ARG C 39 18.30 5.12 -24.67
CA ARG C 39 19.17 4.82 -25.79
C ARG C 39 18.95 5.80 -26.92
N HIS C 40 17.80 6.47 -26.94
CA HIS C 40 17.40 7.33 -28.03
C HIS C 40 16.81 8.61 -27.48
N GLN C 41 16.73 9.62 -28.35
CA GLN C 41 16.19 10.92 -27.97
C GLN C 41 14.66 10.98 -28.12
N GLY C 42 13.99 11.46 -27.09
CA GLY C 42 12.55 11.61 -27.14
C GLY C 42 11.99 12.01 -25.79
N VAL C 43 10.66 12.13 -25.75
CA VAL C 43 9.95 12.47 -24.52
C VAL C 43 8.71 11.61 -24.34
N MET C 44 8.31 11.43 -23.09
CA MET C 44 6.95 11.02 -22.78
C MET C 44 5.96 12.17 -22.91
N VAL C 45 4.77 11.87 -23.45
CA VAL C 45 3.74 12.88 -23.68
C VAL C 45 3.46 13.65 -22.39
N GLY C 46 3.56 14.97 -22.45
CA GLY C 46 3.21 15.80 -21.31
C GLY C 46 4.31 15.95 -20.29
N MET C 47 5.55 15.70 -20.68
CA MET C 47 6.69 15.73 -19.78
C MET C 47 7.83 16.48 -20.44
N GLY C 48 8.70 17.03 -19.61
CA GLY C 48 9.98 17.51 -20.10
C GLY C 48 10.94 16.36 -20.27
N GLN C 49 12.08 16.63 -20.90
CA GLN C 49 13.02 15.55 -21.13
C GLN C 49 13.56 15.02 -19.82
N LYS C 50 13.51 13.71 -19.65
CA LYS C 50 14.11 13.00 -18.53
C LYS C 50 15.43 12.38 -18.94
N ASP C 51 16.43 12.51 -18.08
CA ASP C 51 17.75 11.95 -18.35
C ASP C 51 17.89 10.54 -17.80
N SER C 52 17.11 10.18 -16.78
CA SER C 52 17.17 8.87 -16.16
C SER C 52 15.80 8.54 -15.59
N TYR C 53 15.48 7.24 -15.58
CA TYR C 53 14.39 6.71 -14.79
C TYR C 53 14.95 5.73 -13.77
N VAL C 54 14.27 5.60 -12.64
CA VAL C 54 14.70 4.69 -11.58
C VAL C 54 13.54 3.84 -11.09
N GLY C 55 13.80 2.57 -10.83
CA GLY C 55 12.81 1.75 -10.15
C GLY C 55 11.61 1.40 -10.99
N ASP C 56 10.42 1.62 -10.42
CA ASP C 56 9.19 1.12 -11.03
C ASP C 56 9.02 1.68 -12.43
N GLU C 57 9.30 2.97 -12.59
CA GLU C 57 9.12 3.62 -13.88
C GLU C 57 10.15 3.11 -14.87
N ALA C 58 11.38 2.89 -14.40
CA ALA C 58 12.46 2.35 -15.21
C ALA C 58 12.16 0.94 -15.70
N GLN C 59 11.54 0.11 -14.87
CA GLN C 59 11.19 -1.24 -15.28
C GLN C 59 10.17 -1.24 -16.42
N SER C 60 9.12 -0.43 -16.29
CA SER C 60 7.99 -0.52 -17.21
C SER C 60 8.30 0.08 -18.58
N LYS C 61 9.38 0.85 -18.70
CA LYS C 61 9.76 1.48 -19.95
C LYS C 61 11.08 0.93 -20.50
N ARG C 62 11.48 -0.26 -20.06
CA ARG C 62 12.82 -0.78 -20.31
C ARG C 62 13.11 -0.96 -21.78
N GLY C 63 12.08 -1.10 -22.60
CA GLY C 63 12.27 -1.28 -24.03
C GLY C 63 13.16 -0.23 -24.69
N ILE C 64 12.96 1.04 -24.35
CA ILE C 64 13.69 2.12 -24.99
C ILE C 64 14.91 2.54 -24.19
N LEU C 65 15.29 1.77 -23.17
CA LEU C 65 16.37 2.12 -22.27
C LEU C 65 17.45 1.05 -22.34
N THR C 66 18.64 1.40 -21.88
CA THR C 66 19.67 0.43 -21.51
C THR C 66 19.66 0.27 -20.00
N LEU C 67 19.27 -0.91 -19.54
CA LEU C 67 19.15 -1.14 -18.12
C LEU C 67 20.51 -1.47 -17.51
N LYS C 68 20.72 -0.98 -16.30
CA LYS C 68 21.88 -1.27 -15.48
C LYS C 68 21.45 -1.73 -14.10
N TYR C 69 22.08 -2.77 -13.63
CA TYR C 69 21.90 -3.32 -12.30
C TYR C 69 23.19 -3.03 -11.57
N PRO C 70 23.31 -1.82 -11.00
CA PRO C 70 24.61 -1.34 -10.52
C PRO C 70 25.04 -2.00 -9.25
N ILE C 71 24.26 -2.94 -8.73
CA ILE C 71 24.68 -3.74 -7.60
C ILE C 71 24.81 -5.15 -8.16
N GLU C 72 26.06 -5.58 -8.31
CA GLU C 72 26.38 -6.90 -8.86
C GLU C 72 26.94 -7.77 -7.77
N HIS C 73 26.26 -8.88 -7.50
CA HIS C 73 26.67 -9.85 -6.49
C HIS C 73 26.93 -9.20 -5.13
N GLY C 74 26.06 -8.28 -4.74
CA GLY C 74 26.12 -7.68 -3.41
C GLY C 74 26.98 -6.45 -3.28
N ILE C 75 27.89 -6.20 -4.21
CA ILE C 75 28.88 -5.15 -4.11
C ILE C 75 28.45 -3.97 -4.96
N ILE C 76 28.51 -2.76 -4.42
CA ILE C 76 28.25 -1.60 -5.26
C ILE C 76 29.43 -1.44 -6.21
N THR C 77 29.16 -1.38 -7.51
CA THR C 77 30.22 -1.34 -8.50
C THR C 77 30.17 -0.19 -9.49
N ASN C 78 29.19 0.71 -9.40
CA ASN C 78 29.16 1.87 -10.29
C ASN C 78 28.56 3.04 -9.54
N TRP C 79 29.36 4.06 -9.26
CA TRP C 79 28.95 5.13 -8.35
C TRP C 79 28.13 6.20 -9.05
N ASP C 80 28.28 6.38 -10.35
CA ASP C 80 27.40 7.30 -11.07
C ASP C 80 25.97 6.80 -11.02
N ASP C 81 25.77 5.53 -11.37
CA ASP C 81 24.44 4.90 -11.28
C ASP C 81 23.91 4.93 -9.84
N MET C 82 24.76 4.60 -8.87
CA MET C 82 24.32 4.49 -7.48
C MET C 82 23.86 5.84 -6.94
N GLU C 83 24.48 6.92 -7.37
CA GLU C 83 24.04 8.24 -6.94
C GLU C 83 22.58 8.45 -7.32
N LYS C 84 22.17 7.96 -8.49
CA LYS C 84 20.82 8.17 -9.00
C LYS C 84 19.78 7.29 -8.30
N ILE C 85 20.14 6.10 -7.84
CA ILE C 85 19.20 5.29 -7.04
C ILE C 85 18.86 5.97 -5.73
N TRP C 86 19.87 6.50 -5.02
CA TRP C 86 19.61 7.16 -3.76
C TRP C 86 18.82 8.45 -3.95
N HIS C 87 19.17 9.23 -4.98
CA HIS C 87 18.41 10.43 -5.27
C HIS C 87 16.95 10.10 -5.46
N HIS C 88 16.66 9.00 -6.15
CA HIS C 88 15.28 8.59 -6.31
C HIS C 88 14.65 8.16 -4.98
N THR C 89 15.40 7.44 -4.15
CA THR C 89 14.85 6.96 -2.89
C THR C 89 14.38 8.10 -1.99
N PHE C 90 15.23 9.09 -1.75
CA PHE C 90 14.88 10.17 -0.83
C PHE C 90 13.81 11.08 -1.42
N TYR C 91 14.03 11.62 -2.61
CA TYR C 91 13.23 12.76 -3.03
C TYR C 91 11.89 12.29 -3.59
N ASN C 92 11.86 11.19 -4.34
CA ASN C 92 10.63 10.77 -4.99
C ASN C 92 9.82 9.77 -4.16
N GLU C 93 10.46 8.76 -3.55
CA GLU C 93 9.75 7.66 -2.90
C GLU C 93 9.36 8.00 -1.47
N LEU C 94 10.31 8.41 -0.63
CA LEU C 94 9.98 8.66 0.76
C LEU C 94 9.54 10.11 0.95
N ARG C 95 9.86 10.97 -0.01
CA ARG C 95 9.49 12.38 0.05
C ARG C 95 9.93 13.05 1.36
N VAL C 96 11.24 13.00 1.59
CA VAL C 96 11.87 13.64 2.74
C VAL C 96 13.08 14.44 2.29
N ALA C 97 13.51 15.36 3.14
CA ALA C 97 14.77 16.07 2.94
C ALA C 97 15.88 15.37 3.71
N PRO C 98 16.91 14.87 3.04
CA PRO C 98 17.93 14.06 3.72
C PRO C 98 18.65 14.77 4.87
N GLU C 99 18.76 16.10 4.85
CA GLU C 99 19.50 16.81 5.90
C GLU C 99 18.80 16.80 7.26
N GLU C 100 17.56 16.32 7.34
CA GLU C 100 16.85 16.30 8.62
C GLU C 100 16.92 14.95 9.32
N HIS C 101 17.37 13.90 8.64
CA HIS C 101 17.17 12.52 9.09
C HIS C 101 18.50 11.78 9.06
N PRO C 102 18.95 11.24 10.18
CA PRO C 102 20.01 10.21 10.16
C PRO C 102 19.65 9.03 9.28
N THR C 103 20.62 8.59 8.47
CA THR C 103 20.39 7.60 7.42
C THR C 103 21.35 6.43 7.63
N LEU C 104 20.79 5.30 8.06
CA LEU C 104 21.53 4.04 8.14
C LEU C 104 21.56 3.32 6.79
N LEU C 105 22.74 3.13 6.23
CA LEU C 105 22.91 2.28 5.07
C LEU C 105 23.38 0.90 5.50
N THR C 106 23.19 -0.07 4.61
CA THR C 106 23.63 -1.45 4.79
C THR C 106 24.69 -1.82 3.74
N GLU C 107 25.62 -2.70 4.10
CA GLU C 107 26.65 -3.12 3.17
C GLU C 107 26.71 -4.64 3.11
N ALA C 108 27.22 -5.16 2.00
CA ALA C 108 27.44 -6.59 1.88
C ALA C 108 28.53 -7.07 2.84
N PRO C 109 28.48 -8.32 3.27
CA PRO C 109 29.59 -8.91 4.02
C PRO C 109 30.90 -8.95 3.24
N LEU C 110 31.99 -8.61 3.92
CA LEU C 110 33.34 -8.57 3.34
C LEU C 110 33.40 -7.62 2.14
N ASN C 111 32.74 -6.48 2.26
CA ASN C 111 32.88 -5.40 1.30
C ASN C 111 34.31 -4.83 1.30
N PRO C 112 34.98 -4.76 0.15
CA PRO C 112 36.34 -4.24 0.12
C PRO C 112 36.44 -2.84 0.71
N LYS C 113 37.61 -2.56 1.31
CA LYS C 113 37.82 -1.33 2.06
C LYS C 113 37.64 -0.07 1.21
N ALA C 114 38.12 -0.08 -0.04
CA ALA C 114 37.96 1.07 -0.92
C ALA C 114 36.50 1.39 -1.18
N ASN C 115 35.68 0.36 -1.36
CA ASN C 115 34.25 0.50 -1.61
C ASN C 115 33.52 1.16 -0.44
N ARG C 116 33.81 0.68 0.77
CA ARG C 116 33.25 1.25 2.00
C ARG C 116 33.42 2.77 2.08
N GLU C 117 34.60 3.28 1.78
CA GLU C 117 34.90 4.71 1.97
C GLU C 117 34.07 5.60 1.05
N LYS C 118 33.99 5.27 -0.23
CA LYS C 118 33.22 6.09 -1.16
C LYS C 118 31.76 6.22 -0.73
N MET C 119 31.19 5.16 -0.15
CA MET C 119 29.82 5.22 0.36
C MET C 119 29.68 6.34 1.39
N THR C 120 30.60 6.42 2.34
CA THR C 120 30.54 7.47 3.34
C THR C 120 30.73 8.85 2.73
N GLN C 121 31.66 8.97 1.80
CA GLN C 121 31.97 10.25 1.16
C GLN C 121 30.74 10.83 0.45
N ILE C 122 30.06 10.04 -0.38
CA ILE C 122 28.92 10.54 -1.15
C ILE C 122 27.84 11.10 -0.22
N MET C 123 27.45 10.34 0.80
CA MET C 123 26.38 10.76 1.71
C MET C 123 26.61 12.15 2.29
N PHE C 124 27.84 12.47 2.68
CA PHE C 124 28.11 13.72 3.39
C PHE C 124 28.27 14.89 2.44
N GLU C 125 29.01 14.73 1.35
CA GLU C 125 29.34 15.86 0.50
C GLU C 125 28.24 16.13 -0.52
N THR C 126 27.65 15.07 -1.10
CA THR C 126 26.62 15.23 -2.12
C THR C 126 25.24 15.47 -1.51
N PHE C 127 24.91 14.79 -0.40
CA PHE C 127 23.55 14.79 0.15
C PHE C 127 23.44 15.51 1.48
N ASN C 128 24.56 15.78 2.14
CA ASN C 128 24.61 16.57 3.37
C ASN C 128 23.76 15.97 4.47
N VAL C 129 23.77 14.64 4.57
CA VAL C 129 23.04 13.96 5.65
C VAL C 129 23.65 14.34 7.00
N PRO C 130 22.83 14.57 8.04
CA PRO C 130 23.40 14.92 9.35
C PRO C 130 24.13 13.78 10.02
N ALA C 131 23.71 12.53 9.82
CA ALA C 131 24.43 11.39 10.36
C ALA C 131 24.31 10.21 9.40
N MET C 132 25.14 9.20 9.61
CA MET C 132 25.04 7.98 8.81
C MET C 132 25.75 6.83 9.51
N TYR C 133 25.33 5.61 9.20
CA TYR C 133 25.96 4.38 9.69
C TYR C 133 25.93 3.33 8.60
N VAL C 134 26.84 2.37 8.67
CA VAL C 134 26.89 1.27 7.71
C VAL C 134 26.91 -0.05 8.48
N ALA C 135 25.87 -0.87 8.28
CA ALA C 135 25.74 -2.14 8.96
C ALA C 135 25.86 -3.29 7.97
N ILE C 136 26.56 -4.35 8.38
CA ILE C 136 26.59 -5.59 7.62
C ILE C 136 25.19 -6.22 7.60
N GLN C 137 24.68 -6.54 6.40
CA GLN C 137 23.29 -6.97 6.27
C GLN C 137 23.01 -8.19 7.12
N ALA C 138 23.91 -9.17 7.11
CA ALA C 138 23.66 -10.39 7.86
C ALA C 138 23.46 -10.08 9.34
N VAL C 139 24.23 -9.13 9.87
CA VAL C 139 24.14 -8.83 11.29
C VAL C 139 22.78 -8.24 11.62
N LEU C 140 22.28 -7.34 10.77
CA LEU C 140 20.96 -6.76 10.98
C LEU C 140 19.90 -7.86 11.00
N SER C 141 19.98 -8.81 10.08
CA SER C 141 19.02 -9.91 10.05
C SER C 141 18.93 -10.62 11.39
N LEU C 142 20.07 -10.96 11.97
CA LEU C 142 20.10 -11.64 13.26
C LEU C 142 19.40 -10.81 14.35
N TYR C 143 19.68 -9.51 14.41
CA TYR C 143 19.06 -8.67 15.44
C TYR C 143 17.54 -8.75 15.38
N ALA C 144 16.98 -8.67 14.18
CA ALA C 144 15.52 -8.67 14.07
C ALA C 144 14.90 -9.96 14.58
N SER C 145 15.62 -11.07 14.54
CA SER C 145 15.06 -12.29 15.09
C SER C 145 15.16 -12.32 16.61
N GLY C 146 15.87 -11.36 17.20
CA GLY C 146 15.90 -11.21 18.63
C GLY C 146 16.92 -12.06 19.35
N ARG C 147 18.06 -12.33 18.72
CA ARG C 147 19.17 -13.01 19.35
C ARG C 147 20.45 -12.36 18.87
N THR C 148 21.51 -12.52 19.67
CA THR C 148 22.80 -11.93 19.37
C THR C 148 23.89 -12.91 18.95
N THR C 149 23.66 -14.21 19.06
CA THR C 149 24.64 -15.20 18.63
C THR C 149 23.99 -16.14 17.63
N GLY C 150 24.73 -16.48 16.58
CA GLY C 150 24.17 -17.34 15.57
C GLY C 150 24.87 -17.18 14.23
N ILE C 151 24.43 -18.01 13.30
CA ILE C 151 24.89 -17.97 11.92
C ILE C 151 23.71 -17.68 11.02
N VAL C 152 23.87 -16.67 10.18
CA VAL C 152 22.83 -16.18 9.29
C VAL C 152 23.08 -16.77 7.92
N LEU C 153 22.04 -17.31 7.32
CA LEU C 153 22.05 -17.61 5.89
C LEU C 153 21.28 -16.47 5.22
N ASP C 154 22.01 -15.55 4.63
CA ASP C 154 21.43 -14.44 3.91
C ASP C 154 21.57 -14.82 2.44
N SER C 155 20.46 -15.18 1.82
CA SER C 155 20.44 -15.50 0.40
C SER C 155 19.49 -14.54 -0.28
N GLY C 156 19.99 -13.74 -1.19
CA GLY C 156 19.12 -12.82 -1.87
C GLY C 156 18.93 -13.04 -3.36
N ASP C 157 19.01 -11.96 -4.14
CA ASP C 157 18.79 -12.03 -5.57
C ASP C 157 20.10 -12.23 -6.32
N GLY C 158 21.18 -11.65 -5.83
CA GLY C 158 22.40 -11.58 -6.59
C GLY C 158 23.45 -12.51 -6.01
N VAL C 159 23.48 -12.61 -4.70
CA VAL C 159 24.55 -13.30 -3.99
C VAL C 159 23.93 -13.99 -2.80
N THR C 160 24.55 -15.10 -2.40
CA THR C 160 24.23 -15.75 -1.14
C THR C 160 25.46 -15.73 -0.25
N HIS C 161 25.25 -15.46 1.03
CA HIS C 161 26.34 -15.41 1.98
C HIS C 161 25.94 -16.24 3.19
N ASN C 162 26.90 -17.00 3.72
CA ASN C 162 26.84 -17.51 5.07
C ASN C 162 27.69 -16.64 5.98
N VAL C 163 27.08 -16.10 7.02
CA VAL C 163 27.77 -15.16 7.89
C VAL C 163 27.58 -15.55 9.35
N PRO C 164 28.52 -16.27 9.95
CA PRO C 164 28.41 -16.56 11.38
C PRO C 164 28.73 -15.32 12.20
N ILE C 165 27.90 -15.08 13.22
CA ILE C 165 27.93 -13.85 14.00
C ILE C 165 27.95 -14.23 15.47
N TYR C 166 28.87 -13.61 16.22
CA TYR C 166 29.07 -13.93 17.62
C TYR C 166 29.15 -12.62 18.38
N GLU C 167 28.26 -12.47 19.36
CA GLU C 167 28.20 -11.30 20.23
C GLU C 167 27.95 -10.01 19.46
N GLY C 168 27.30 -10.12 18.31
CA GLY C 168 26.85 -8.97 17.54
C GLY C 168 27.69 -8.61 16.35
N TYR C 169 28.84 -9.24 16.17
CA TYR C 169 29.79 -8.86 15.13
C TYR C 169 30.16 -10.05 14.25
N ALA C 170 30.18 -9.82 12.95
CA ALA C 170 30.58 -10.83 11.99
C ALA C 170 31.98 -11.35 12.30
N LEU C 171 32.22 -12.60 11.89
CA LEU C 171 33.47 -13.36 11.92
C LEU C 171 34.16 -13.50 10.57
N PRO C 172 35.06 -12.58 10.22
CA PRO C 172 35.56 -12.50 8.84
C PRO C 172 36.18 -13.80 8.33
N HIS C 173 36.77 -14.61 9.19
CA HIS C 173 37.44 -15.82 8.73
C HIS C 173 36.49 -16.86 8.16
N ALA C 174 35.19 -16.76 8.41
CA ALA C 174 34.25 -17.78 7.97
C ALA C 174 33.28 -17.40 6.86
N ILE C 175 33.33 -16.19 6.31
CA ILE C 175 32.38 -15.86 5.25
C ILE C 175 32.72 -16.61 3.96
N MET C 176 31.72 -17.29 3.42
CA MET C 176 31.72 -18.01 2.15
C MET C 176 30.85 -17.26 1.15
N ARG C 177 31.27 -17.24 -0.11
CA ARG C 177 30.51 -16.57 -1.15
C ARG C 177 30.17 -17.59 -2.23
N LEU C 178 28.87 -17.81 -2.41
CA LEU C 178 28.32 -18.63 -3.47
C LEU C 178 27.61 -17.72 -4.46
N ASP C 179 28.10 -17.71 -5.71
CA ASP C 179 27.51 -16.85 -6.72
C ASP C 179 26.29 -17.52 -7.32
N LEU C 180 25.44 -18.08 -6.47
CA LEU C 180 24.18 -18.68 -6.88
C LEU C 180 23.08 -18.06 -6.04
N ALA C 181 22.12 -17.42 -6.69
CA ALA C 181 21.11 -16.69 -5.96
C ALA C 181 19.90 -16.44 -6.87
N GLY C 182 19.06 -15.50 -6.47
CA GLY C 182 17.74 -15.31 -7.04
C GLY C 182 17.71 -15.40 -8.55
N ARG C 183 18.49 -14.58 -9.23
CA ARG C 183 18.32 -14.44 -10.67
C ARG C 183 18.88 -15.63 -11.41
N ASP C 184 19.76 -16.41 -10.80
CA ASP C 184 20.19 -17.66 -11.42
C ASP C 184 19.05 -18.67 -11.43
N LEU C 185 18.30 -18.77 -10.34
CA LEU C 185 17.18 -19.70 -10.29
C LEU C 185 16.12 -19.32 -11.29
N THR C 186 15.76 -18.03 -11.35
CA THR C 186 14.80 -17.59 -12.35
C THR C 186 15.24 -17.98 -13.74
N ASP C 187 16.51 -17.75 -14.07
CA ASP C 187 17.02 -18.08 -15.39
C ASP C 187 16.95 -19.58 -15.64
N TYR C 188 17.29 -20.38 -14.63
CA TYR C 188 17.23 -21.83 -14.76
C TYR C 188 15.81 -22.28 -15.01
N LEU C 189 14.86 -21.72 -14.27
CA LEU C 189 13.46 -22.07 -14.47
C LEU C 189 13.03 -21.73 -15.90
N MET C 190 13.40 -20.54 -16.39
CA MET C 190 13.08 -20.15 -17.76
C MET C 190 13.60 -21.18 -18.75
N LYS C 191 14.79 -21.71 -18.52
CA LYS C 191 15.37 -22.69 -19.44
C LYS C 191 14.58 -23.99 -19.43
N ILE C 192 14.31 -24.55 -18.25
CA ILE C 192 13.69 -25.85 -18.16
C ILE C 192 12.20 -25.77 -18.47
N LEU C 193 11.56 -24.62 -18.21
CA LEU C 193 10.18 -24.44 -18.67
C LEU C 193 10.14 -24.38 -20.18
N THR C 194 11.15 -23.79 -20.79
CA THR C 194 11.29 -23.79 -22.25
C THR C 194 11.47 -25.21 -22.76
N GLU C 195 12.28 -26.01 -22.05
CA GLU C 195 12.52 -27.39 -22.45
C GLU C 195 11.22 -28.19 -22.42
N ARG C 196 10.27 -27.84 -21.56
CA ARG C 196 8.99 -28.52 -21.53
C ARG C 196 8.15 -28.26 -22.77
N GLY C 197 8.38 -27.15 -23.47
CA GLY C 197 7.70 -26.87 -24.73
C GLY C 197 6.76 -25.68 -24.64
N TYR C 198 7.16 -24.68 -23.88
CA TYR C 198 6.48 -23.40 -23.76
C TYR C 198 7.37 -22.28 -24.32
N SER C 199 6.77 -21.13 -24.53
CA SER C 199 7.52 -19.99 -25.06
C SER C 199 7.21 -18.73 -24.27
N PHE C 200 8.28 -18.10 -23.79
CA PHE C 200 8.29 -16.80 -23.13
C PHE C 200 9.04 -15.83 -24.04
N VAL C 201 8.31 -15.12 -24.90
CA VAL C 201 8.94 -14.33 -25.95
C VAL C 201 8.80 -12.85 -25.60
N THR C 202 7.57 -12.36 -25.57
CA THR C 202 7.34 -10.97 -25.19
C THR C 202 7.81 -10.71 -23.76
N THR C 203 8.30 -9.48 -23.53
CA THR C 203 8.79 -9.11 -22.21
C THR C 203 7.71 -9.37 -21.16
N ALA C 204 6.45 -9.07 -21.49
CA ALA C 204 5.32 -9.31 -20.61
C ALA C 204 5.31 -10.75 -20.12
N GLU C 205 5.80 -11.66 -20.95
CA GLU C 205 5.74 -13.09 -20.68
C GLU C 205 7.02 -13.58 -20.03
N ARG C 206 8.08 -12.77 -20.04
CA ARG C 206 9.37 -13.18 -19.54
C ARG C 206 9.54 -12.81 -18.08
N GLU C 207 8.82 -11.77 -17.65
CA GLU C 207 8.92 -11.28 -16.27
C GLU C 207 8.03 -12.09 -15.34
N ILE C 208 7.01 -12.74 -15.88
CA ILE C 208 6.04 -13.47 -15.07
C ILE C 208 6.64 -14.76 -14.54
N VAL C 209 7.69 -15.27 -15.19
CA VAL C 209 8.30 -16.51 -14.77
C VAL C 209 8.79 -16.40 -13.34
N ARG C 210 9.29 -15.22 -12.96
CA ARG C 210 9.66 -14.97 -11.57
C ARG C 210 8.45 -15.15 -10.66
N ASP C 211 7.30 -14.59 -11.05
CA ASP C 211 6.10 -14.69 -10.25
C ASP C 211 5.72 -16.15 -10.02
N ILE C 212 5.76 -16.96 -11.08
CA ILE C 212 5.45 -18.38 -10.97
C ILE C 212 6.36 -19.02 -9.92
N LYS C 213 7.64 -18.72 -9.99
CA LYS C 213 8.62 -19.25 -9.04
C LYS C 213 8.21 -18.92 -7.60
N GLU C 214 7.88 -17.66 -7.33
CA GLU C 214 7.61 -17.20 -5.96
C GLU C 214 6.38 -17.83 -5.31
N LYS C 215 5.41 -18.31 -6.08
CA LYS C 215 4.11 -18.69 -5.53
C LYS C 215 3.91 -20.19 -5.44
N LEU C 216 4.40 -20.97 -6.40
CA LEU C 216 4.03 -22.37 -6.54
C LEU C 216 5.19 -23.32 -6.28
N CYS C 217 6.42 -22.83 -6.24
CA CYS C 217 7.60 -23.67 -6.02
C CYS C 217 7.75 -24.04 -4.55
N TYR C 218 8.48 -25.14 -4.31
CA TYR C 218 8.76 -25.60 -2.95
C TYR C 218 9.95 -26.54 -2.98
N VAL C 219 10.56 -26.76 -1.81
CA VAL C 219 11.67 -27.69 -1.66
C VAL C 219 11.12 -29.04 -1.22
N ALA C 220 11.39 -30.07 -2.01
CA ALA C 220 11.01 -31.43 -1.67
C ALA C 220 11.75 -32.00 -0.46
N LEU C 221 10.96 -32.61 0.43
CA LEU C 221 11.49 -33.31 1.61
C LEU C 221 12.34 -34.52 1.23
N ASP C 222 11.84 -35.37 0.34
CA ASP C 222 12.61 -36.47 -0.24
C ASP C 222 12.74 -36.25 -1.75
N PHE C 223 13.95 -35.91 -2.17
CA PHE C 223 14.21 -35.60 -3.58
C PHE C 223 14.04 -36.83 -4.46
N GLU C 224 14.79 -37.90 -4.17
CA GLU C 224 14.75 -39.12 -4.97
C GLU C 224 13.34 -39.62 -5.26
N ASN C 225 12.49 -39.69 -4.24
CA ASN C 225 11.14 -40.21 -4.43
C ASN C 225 10.32 -39.38 -5.41
N GLU C 226 10.28 -38.06 -5.19
CA GLU C 226 9.43 -37.18 -5.98
C GLU C 226 9.90 -37.00 -7.42
N MET C 227 11.17 -37.26 -7.72
CA MET C 227 11.63 -37.13 -9.09
C MET C 227 11.06 -38.25 -9.94
N ALA C 228 10.95 -39.45 -9.37
CA ALA C 228 10.32 -40.56 -10.08
C ALA C 228 8.79 -40.40 -10.08
N THR C 229 8.24 -39.96 -8.94
CA THR C 229 6.81 -39.75 -8.74
C THR C 229 6.23 -38.58 -9.52
N ALA C 230 7.03 -37.61 -9.92
CA ALA C 230 6.53 -36.39 -10.56
C ALA C 230 5.44 -36.62 -11.62
N ALA C 231 5.80 -37.28 -12.72
CA ALA C 231 4.84 -37.55 -13.79
C ALA C 231 3.63 -38.34 -13.30
N SER C 232 3.87 -39.35 -12.46
CA SER C 232 2.80 -40.26 -12.05
C SER C 232 1.79 -39.56 -11.13
N SER C 233 2.29 -38.81 -10.15
CA SER C 233 1.44 -38.23 -9.11
C SER C 233 0.29 -37.46 -9.73
N SER C 234 -0.86 -37.48 -9.05
CA SER C 234 -2.02 -36.74 -9.51
C SER C 234 -2.18 -35.41 -8.78
N SER C 235 -1.46 -35.19 -7.68
CA SER C 235 -1.71 -34.05 -6.83
C SER C 235 -0.56 -33.05 -6.87
N LEU C 236 0.61 -33.49 -7.35
CA LEU C 236 1.81 -32.68 -7.34
C LEU C 236 1.63 -31.50 -8.29
N GLU C 237 1.34 -31.82 -9.54
CA GLU C 237 1.25 -30.86 -10.65
C GLU C 237 0.15 -29.85 -10.36
N LYS C 238 0.47 -28.57 -10.53
CA LYS C 238 -0.48 -27.50 -10.32
C LYS C 238 -0.52 -26.60 -11.53
N SER C 239 -1.67 -25.94 -11.71
CA SER C 239 -1.92 -25.05 -12.84
C SER C 239 -1.96 -23.59 -12.42
N TYR C 240 -1.31 -22.76 -13.22
CA TYR C 240 -1.22 -21.32 -13.06
C TYR C 240 -1.81 -20.68 -14.29
N GLU C 241 -2.77 -19.77 -14.09
CA GLU C 241 -3.44 -19.09 -15.19
C GLU C 241 -2.65 -17.85 -15.62
N LEU C 242 -2.29 -17.83 -16.90
CA LEU C 242 -1.67 -16.69 -17.56
C LEU C 242 -2.67 -15.54 -17.69
N PRO C 243 -2.20 -14.32 -17.92
CA PRO C 243 -3.14 -13.19 -18.01
C PRO C 243 -4.06 -13.23 -19.22
N ASP C 244 -3.69 -13.90 -20.32
CA ASP C 244 -4.58 -13.90 -21.49
C ASP C 244 -5.75 -14.87 -21.28
N GLY C 245 -5.49 -15.98 -20.59
CA GLY C 245 -6.49 -16.97 -20.25
C GLY C 245 -5.91 -18.37 -20.32
N GLN C 246 -4.90 -18.55 -21.18
CA GLN C 246 -4.24 -19.84 -21.33
C GLN C 246 -3.80 -20.37 -19.97
N VAL C 247 -3.88 -21.68 -19.80
CA VAL C 247 -3.43 -22.37 -18.59
C VAL C 247 -2.37 -23.42 -18.95
N ILE C 248 -1.16 -23.21 -18.44
CA ILE C 248 -0.07 -24.17 -18.65
C ILE C 248 0.03 -25.03 -17.40
N THR C 249 0.60 -26.21 -17.57
CA THR C 249 0.80 -27.19 -16.51
C THR C 249 2.29 -27.27 -16.19
N ILE C 250 2.61 -27.22 -14.90
CA ILE C 250 3.98 -27.33 -14.41
C ILE C 250 4.11 -28.56 -13.49
N GLY C 251 5.09 -29.41 -13.82
CA GLY C 251 5.36 -30.66 -13.13
C GLY C 251 6.61 -30.73 -12.28
N ASN C 252 7.61 -31.50 -12.69
CA ASN C 252 8.81 -31.69 -11.87
C ASN C 252 9.63 -30.43 -11.72
N GLU C 253 9.41 -29.43 -12.57
CA GLU C 253 10.13 -28.18 -12.45
C GLU C 253 9.88 -27.46 -11.12
N ARG C 254 8.74 -27.72 -10.47
CA ARG C 254 8.46 -27.06 -9.19
C ARG C 254 9.55 -27.30 -8.17
N PHE C 255 10.00 -28.54 -8.03
CA PHE C 255 10.96 -28.84 -6.97
C PHE C 255 12.39 -29.00 -7.47
N ARG C 256 12.59 -29.17 -8.77
CA ARG C 256 13.96 -29.24 -9.29
C ARG C 256 14.64 -27.88 -9.22
N CYS C 257 13.90 -26.79 -9.38
CA CYS C 257 14.49 -25.44 -9.39
C CYS C 257 15.23 -25.09 -8.10
N PRO C 258 14.60 -25.04 -6.92
CA PRO C 258 15.39 -24.65 -5.73
C PRO C 258 16.40 -25.69 -5.34
N GLU C 259 16.30 -26.91 -5.87
CA GLU C 259 17.33 -27.89 -5.61
C GLU C 259 18.68 -27.35 -6.04
N THR C 260 18.69 -26.50 -7.07
CA THR C 260 19.92 -25.84 -7.54
C THR C 260 20.69 -25.25 -6.37
N LEU C 261 19.97 -24.73 -5.39
CA LEU C 261 20.60 -24.21 -4.18
C LEU C 261 21.49 -25.25 -3.55
N PHE C 262 21.02 -26.50 -3.50
CA PHE C 262 21.78 -27.57 -2.86
C PHE C 262 22.77 -28.24 -3.79
N GLN C 263 22.58 -28.14 -5.10
CA GLN C 263 23.46 -28.76 -6.10
C GLN C 263 23.73 -27.74 -7.19
N PRO C 264 24.56 -26.75 -6.91
CA PRO C 264 24.91 -25.72 -7.91
C PRO C 264 25.41 -26.25 -9.25
N SER C 265 25.93 -27.47 -9.27
CA SER C 265 26.41 -28.07 -10.52
C SER C 265 25.38 -28.01 -11.63
N PHE C 266 24.09 -28.10 -11.30
CA PHE C 266 23.04 -28.07 -12.32
C PHE C 266 23.22 -26.90 -13.30
N ILE C 267 23.79 -25.78 -12.85
CA ILE C 267 23.97 -24.61 -13.69
C ILE C 267 25.45 -24.30 -13.92
N GLY C 268 26.35 -25.23 -13.58
CA GLY C 268 27.75 -25.13 -13.91
C GLY C 268 28.66 -24.44 -12.91
N MET C 269 28.21 -24.19 -11.68
CA MET C 269 29.06 -23.64 -10.64
C MET C 269 29.76 -24.78 -9.90
N GLU C 270 31.08 -24.69 -9.77
CA GLU C 270 31.82 -25.72 -9.03
C GLU C 270 31.82 -25.52 -7.52
N SER C 271 31.20 -24.44 -7.02
CA SER C 271 31.12 -24.18 -5.59
C SER C 271 30.29 -25.26 -4.90
N ALA C 272 30.39 -25.31 -3.58
CA ALA C 272 29.66 -26.27 -2.78
C ALA C 272 28.30 -25.70 -2.39
N GLY C 273 27.35 -26.60 -2.12
CA GLY C 273 25.99 -26.19 -1.82
C GLY C 273 25.85 -25.53 -0.46
N ILE C 274 24.71 -24.86 -0.28
CA ILE C 274 24.48 -24.06 0.93
C ILE C 274 24.50 -24.92 2.19
N HIS C 275 24.11 -26.18 2.10
CA HIS C 275 24.21 -27.03 3.28
C HIS C 275 25.67 -27.30 3.62
N GLU C 276 26.49 -27.49 2.59
CA GLU C 276 27.92 -27.76 2.78
C GLU C 276 28.66 -26.50 3.24
N THR C 277 28.36 -25.35 2.64
CA THR C 277 29.01 -24.10 3.00
C THR C 277 28.76 -23.74 4.46
N THR C 278 27.54 -24.00 4.94
CA THR C 278 27.22 -23.76 6.34
C THR C 278 28.13 -24.59 7.23
N TYR C 279 28.30 -25.86 6.88
CA TYR C 279 29.20 -26.72 7.64
C TYR C 279 30.62 -26.17 7.58
N ASN C 280 31.11 -25.85 6.38
CA ASN C 280 32.48 -25.36 6.25
C ASN C 280 32.68 -24.09 7.06
N SER C 281 31.65 -23.24 7.13
CA SER C 281 31.71 -22.01 7.91
C SER C 281 31.92 -22.30 9.40
N ILE C 282 31.19 -23.26 9.95
CA ILE C 282 31.34 -23.57 11.37
C ILE C 282 32.75 -24.09 11.67
N MET C 283 33.29 -24.94 10.80
CA MET C 283 34.59 -25.56 11.04
C MET C 283 35.75 -24.61 10.83
N LYS C 284 35.52 -23.44 10.24
CA LYS C 284 36.53 -22.41 10.10
C LYS C 284 36.60 -21.51 11.34
N CYS C 285 35.58 -21.57 12.19
CA CYS C 285 35.52 -20.81 13.42
C CYS C 285 36.29 -21.52 14.53
N ASP C 286 36.45 -20.81 15.65
CA ASP C 286 37.00 -21.39 16.87
C ASP C 286 36.15 -22.55 17.37
N ILE C 287 36.83 -23.62 17.81
CA ILE C 287 36.16 -24.78 18.41
C ILE C 287 35.31 -24.35 19.61
N ASP C 288 35.64 -23.21 20.21
CA ASP C 288 35.01 -22.78 21.46
C ASP C 288 33.54 -22.43 21.27
N ILE C 289 33.14 -22.04 20.06
CA ILE C 289 31.83 -21.44 19.82
C ILE C 289 30.89 -22.31 19.00
N ARG C 290 31.37 -23.40 18.39
CA ARG C 290 30.54 -24.18 17.45
C ARG C 290 29.20 -24.60 18.05
N LYS C 291 29.17 -24.96 19.32
CA LYS C 291 27.90 -25.34 19.97
C LYS C 291 26.80 -24.30 19.73
N ASP C 292 27.14 -23.02 19.89
CA ASP C 292 26.13 -21.96 19.77
C ASP C 292 25.74 -21.72 18.32
N LEU C 293 26.68 -21.86 17.39
CA LEU C 293 26.37 -21.71 15.97
C LEU C 293 25.36 -22.77 15.53
N TYR C 294 25.70 -24.05 15.74
CA TYR C 294 24.83 -25.16 15.38
C TYR C 294 23.39 -24.94 15.83
N ALA C 295 23.20 -24.33 16.98
CA ALA C 295 21.88 -24.16 17.58
C ALA C 295 21.15 -22.91 17.11
N ASN C 296 21.75 -22.09 16.24
CA ASN C 296 21.13 -20.85 15.79
C ASN C 296 21.42 -20.59 14.31
N ASN C 297 21.02 -21.52 13.45
CA ASN C 297 20.98 -21.26 12.01
C ASN C 297 19.71 -20.49 11.65
N VAL C 298 19.86 -19.18 11.41
CA VAL C 298 18.77 -18.30 11.02
C VAL C 298 18.86 -18.01 9.52
N MET C 299 17.77 -18.26 8.81
CA MET C 299 17.72 -18.06 7.37
C MET C 299 17.07 -16.73 7.03
N SER C 300 17.60 -16.06 6.01
CA SER C 300 17.27 -14.67 5.70
C SER C 300 17.20 -14.47 4.19
N GLY C 301 16.37 -13.51 3.79
CA GLY C 301 16.26 -13.03 2.43
C GLY C 301 15.23 -13.78 1.61
N GLY C 302 14.78 -13.11 0.54
CA GLY C 302 13.64 -13.59 -0.22
C GLY C 302 13.78 -14.96 -0.83
N THR C 303 15.00 -15.36 -1.22
CA THR C 303 15.12 -16.61 -1.96
C THR C 303 15.13 -17.82 -1.03
N THR C 304 15.09 -17.59 0.28
CA THR C 304 14.95 -18.61 1.30
C THR C 304 13.49 -18.77 1.73
N MET C 305 12.58 -18.16 0.99
CA MET C 305 11.17 -18.08 1.33
C MET C 305 10.40 -19.31 0.86
N TYR C 306 11.00 -20.12 -0.01
CA TYR C 306 10.37 -21.33 -0.52
C TYR C 306 9.79 -22.16 0.62
N PRO C 307 8.51 -22.51 0.58
CA PRO C 307 7.96 -23.46 1.55
C PRO C 307 8.75 -24.75 1.58
N GLY C 308 8.99 -25.24 2.80
CA GLY C 308 9.63 -26.53 2.99
C GLY C 308 11.12 -26.47 3.22
N ILE C 309 11.76 -25.34 2.94
CA ILE C 309 13.21 -25.23 3.06
C ILE C 309 13.65 -25.46 4.50
N ALA C 310 12.85 -25.00 5.46
CA ALA C 310 13.17 -25.22 6.87
C ALA C 310 13.36 -26.70 7.17
N ASP C 311 12.39 -27.54 6.82
CA ASP C 311 12.51 -28.95 7.14
C ASP C 311 13.65 -29.61 6.39
N ARG C 312 13.95 -29.14 5.17
CA ARG C 312 15.03 -29.76 4.39
C ARG C 312 16.41 -29.43 4.93
N MET C 313 16.64 -28.19 5.33
CA MET C 313 17.90 -27.82 5.97
C MET C 313 18.15 -28.62 7.25
N GLN C 314 17.15 -28.71 8.13
CA GLN C 314 17.25 -29.49 9.35
C GLN C 314 17.87 -30.86 9.09
N LYS C 315 17.34 -31.58 8.10
CA LYS C 315 17.79 -32.94 7.82
C LYS C 315 19.25 -32.93 7.38
N GLU C 316 19.58 -32.13 6.37
CA GLU C 316 20.86 -32.19 5.67
C GLU C 316 22.03 -31.79 6.57
N ILE C 317 21.80 -30.94 7.57
CA ILE C 317 22.87 -30.48 8.45
C ILE C 317 23.15 -31.50 9.56
N THR C 318 22.10 -32.11 10.10
CA THR C 318 22.25 -33.17 11.11
C THR C 318 23.11 -34.32 10.60
N ALA C 319 23.01 -34.64 9.31
CA ALA C 319 23.83 -35.71 8.73
C ALA C 319 25.33 -35.39 8.81
N LEU C 320 25.71 -34.12 8.64
CA LEU C 320 27.13 -33.77 8.53
C LEU C 320 27.80 -33.49 9.87
N ALA C 321 27.07 -32.96 10.84
CA ALA C 321 27.66 -32.52 12.10
C ALA C 321 27.95 -33.70 13.04
N PRO C 322 28.77 -33.46 14.07
CA PRO C 322 28.88 -34.42 15.18
C PRO C 322 27.54 -34.88 15.73
N SER C 323 27.52 -36.15 16.16
CA SER C 323 26.28 -36.89 16.38
C SER C 323 25.35 -36.20 17.38
N THR C 324 25.90 -35.59 18.43
CA THR C 324 25.06 -35.13 19.54
C THR C 324 24.82 -33.63 19.54
N MET C 325 25.25 -32.93 18.49
CA MET C 325 25.11 -31.48 18.45
C MET C 325 23.62 -31.11 18.33
N LYS C 326 23.17 -30.24 19.23
CA LYS C 326 21.80 -29.71 19.20
C LYS C 326 21.65 -28.71 18.06
N ILE C 327 20.90 -29.08 17.02
CA ILE C 327 20.72 -28.23 15.84
C ILE C 327 19.29 -27.70 15.80
N LYS C 328 19.14 -26.40 15.52
CA LYS C 328 17.85 -25.74 15.37
C LYS C 328 17.92 -24.72 14.25
N ILE C 329 17.03 -24.84 13.27
CA ILE C 329 16.91 -23.85 12.20
C ILE C 329 15.71 -22.94 12.48
N ILE C 330 15.98 -21.64 12.61
CA ILE C 330 14.95 -20.62 12.84
C ILE C 330 14.64 -19.96 11.51
N ALA C 331 13.37 -19.99 11.10
CA ALA C 331 12.92 -19.42 9.83
C ALA C 331 11.81 -18.41 10.10
N PRO C 332 12.16 -17.22 10.55
CA PRO C 332 11.17 -16.20 10.91
C PRO C 332 10.24 -15.89 9.75
N PRO C 333 8.93 -15.92 10.01
CA PRO C 333 7.93 -15.53 9.01
C PRO C 333 8.20 -14.22 8.28
N GLU C 334 8.93 -13.29 8.88
CA GLU C 334 9.18 -11.97 8.32
C GLU C 334 10.43 -11.88 7.45
N ARG C 335 11.04 -13.00 7.09
CA ARG C 335 12.41 -13.06 6.63
C ARG C 335 12.63 -12.49 5.23
N LYS C 336 11.59 -12.08 4.50
CA LYS C 336 11.82 -11.42 3.23
C LYS C 336 12.19 -9.95 3.40
N TYR C 337 12.06 -9.43 4.61
CA TYR C 337 12.43 -8.07 4.97
C TYR C 337 13.26 -8.06 6.25
N SER C 338 13.81 -9.21 6.62
CA SER C 338 14.49 -9.27 7.91
C SER C 338 15.68 -8.34 7.93
N VAL C 339 16.35 -8.18 6.79
CA VAL C 339 17.49 -7.26 6.75
C VAL C 339 17.01 -5.86 7.11
N TRP C 340 16.01 -5.37 6.39
CA TRP C 340 15.51 -4.02 6.65
C TRP C 340 14.95 -3.89 8.05
N ILE C 341 14.10 -4.83 8.46
CA ILE C 341 13.45 -4.71 9.77
C ILE C 341 14.50 -4.66 10.87
N GLY C 342 15.55 -5.48 10.77
CA GLY C 342 16.62 -5.41 11.74
C GLY C 342 17.26 -4.05 11.76
N GLY C 343 17.40 -3.43 10.60
CA GLY C 343 17.91 -2.08 10.56
C GLY C 343 16.98 -1.11 11.26
N SER C 344 15.68 -1.33 11.12
CA SER C 344 14.70 -0.49 11.80
C SER C 344 14.83 -0.58 13.31
N ILE C 345 15.10 -1.77 13.84
CA ILE C 345 15.23 -1.91 15.28
C ILE C 345 16.50 -1.23 15.77
N LEU C 346 17.64 -1.54 15.14
CA LEU C 346 18.92 -0.99 15.57
C LEU C 346 18.86 0.53 15.70
N ALA C 347 18.35 1.21 14.68
CA ALA C 347 18.37 2.67 14.66
C ALA C 347 17.40 3.30 15.65
N SER C 348 16.47 2.53 16.21
CA SER C 348 15.48 3.01 17.16
C SER C 348 15.91 2.93 18.63
N LEU C 349 16.98 2.21 18.94
CA LEU C 349 17.43 2.07 20.32
C LEU C 349 18.04 3.36 20.84
N SER C 350 17.71 3.70 22.09
CA SER C 350 18.32 4.85 22.74
C SER C 350 19.83 4.68 22.88
N THR C 351 20.27 3.44 23.11
CA THR C 351 21.69 3.17 23.29
C THR C 351 22.47 3.53 22.03
N PHE C 352 21.86 3.36 20.87
CA PHE C 352 22.48 3.50 19.56
C PHE C 352 22.74 4.95 19.18
N GLN C 353 22.15 5.91 19.89
CA GLN C 353 22.20 7.31 19.49
C GLN C 353 23.60 7.91 19.59
N GLN C 354 24.48 7.33 20.40
CA GLN C 354 25.85 7.82 20.49
C GLN C 354 26.83 7.05 19.61
N MET C 355 26.36 6.07 18.82
CA MET C 355 27.22 5.31 17.92
C MET C 355 27.19 5.87 16.49
N TRP C 356 26.19 6.68 16.16
CA TRP C 356 26.10 7.38 14.88
C TRP C 356 27.40 8.08 14.53
N ILE C 357 27.79 8.02 13.26
CA ILE C 357 28.78 8.96 12.73
C ILE C 357 28.09 10.29 12.47
N THR C 358 28.48 11.31 13.24
CA THR C 358 27.99 12.68 13.15
C THR C 358 28.74 13.50 12.11
N LYS C 359 28.09 14.58 11.67
CA LYS C 359 28.68 15.53 10.74
C LYS C 359 30.01 16.08 11.25
N GLN C 360 30.05 16.44 12.53
CA GLN C 360 31.27 16.93 13.17
C GLN C 360 32.45 15.98 12.97
N GLU C 361 32.27 14.71 13.33
CA GLU C 361 33.34 13.72 13.27
C GLU C 361 33.96 13.60 11.88
N TYR C 362 33.14 13.60 10.83
CA TYR C 362 33.67 13.49 9.48
C TYR C 362 34.56 14.67 9.12
N ASP C 363 34.19 15.88 9.56
CA ASP C 363 34.98 17.06 9.22
C ASP C 363 36.38 17.01 9.82
N GLU C 364 36.54 16.39 10.99
CA GLU C 364 37.84 16.32 11.64
C GLU C 364 38.68 15.16 11.09
N ALA C 365 38.05 14.00 10.87
CA ALA C 365 38.73 12.74 10.60
C ALA C 365 38.77 12.40 9.11
N GLY C 366 37.76 12.79 8.35
CA GLY C 366 37.64 12.46 6.95
C GLY C 366 37.03 11.09 6.70
N PRO C 367 36.94 10.72 5.42
CA PRO C 367 36.26 9.47 5.04
C PRO C 367 36.76 8.23 5.77
N SER C 368 38.01 8.21 6.22
CA SER C 368 38.59 7.05 6.88
C SER C 368 37.91 6.72 8.21
N ILE C 369 37.11 7.64 8.75
CA ILE C 369 36.36 7.39 9.98
C ILE C 369 35.52 6.11 9.88
N VAL C 370 34.98 5.81 8.70
CA VAL C 370 34.05 4.68 8.57
C VAL C 370 34.64 3.39 9.15
N HIS C 371 35.95 3.17 8.99
CA HIS C 371 36.55 1.95 9.52
C HIS C 371 36.60 1.94 11.03
N ARG C 372 36.80 3.11 11.65
CA ARG C 372 36.86 3.19 13.11
C ARG C 372 35.52 2.90 13.74
N LYS C 373 34.44 3.38 13.14
CA LYS C 373 33.13 3.45 13.80
C LYS C 373 32.18 2.39 13.31
N CYS C 374 32.20 2.09 12.02
CA CYS C 374 31.29 1.15 11.36
C CYS C 374 31.98 -0.17 11.01
N PHE C 375 31.70 -1.22 11.77
CA PHE C 375 32.27 -2.53 11.42
C PHE C 375 31.36 -3.61 11.98
N ILE D 3 4.08 14.34 -43.95
CA ILE D 3 3.42 13.91 -42.72
C ILE D 3 2.56 12.70 -43.02
N ALA D 4 2.59 11.69 -42.16
CA ALA D 4 1.80 10.49 -42.35
C ALA D 4 1.10 10.06 -41.07
N ALA D 5 0.00 9.34 -41.23
CA ALA D 5 -0.68 8.66 -40.13
C ALA D 5 -0.85 7.21 -40.50
N PHE D 6 -0.20 6.33 -39.75
CA PHE D 6 -0.08 4.92 -40.14
C PHE D 6 -0.50 4.06 -38.95
N ASN D 7 -1.67 3.43 -39.07
CA ASN D 7 -2.10 2.36 -38.18
C ASN D 7 -1.42 1.05 -38.59
N ILE D 8 -0.47 0.59 -37.79
CA ILE D 8 0.19 -0.69 -38.04
C ILE D 8 -0.43 -1.76 -37.17
N ARG D 9 -1.31 -2.56 -37.77
CA ARG D 9 -2.07 -3.58 -37.05
C ARG D 9 -1.14 -4.38 -36.15
N THR D 10 -1.53 -4.50 -34.89
CA THR D 10 -0.80 -5.26 -33.86
C THR D 10 0.70 -5.04 -33.97
N PHE D 11 1.07 -3.77 -34.01
CA PHE D 11 2.48 -3.38 -33.97
C PHE D 11 3.03 -3.76 -32.61
N GLY D 12 3.75 -4.88 -32.55
CA GLY D 12 4.32 -5.34 -31.31
C GLY D 12 5.65 -6.05 -31.47
N GLU D 13 6.03 -6.80 -30.43
CA GLU D 13 7.33 -7.47 -30.44
C GLU D 13 7.37 -8.50 -31.54
N THR D 14 6.29 -9.27 -31.69
CA THR D 14 6.20 -10.32 -32.68
C THR D 14 6.49 -9.78 -34.07
N LYS D 15 5.88 -8.66 -34.41
CA LYS D 15 5.95 -8.11 -35.75
C LYS D 15 7.33 -7.54 -36.05
N MET D 16 7.99 -6.99 -35.04
CA MET D 16 9.29 -6.34 -35.20
C MET D 16 10.45 -7.33 -35.21
N SER D 17 10.31 -8.50 -34.57
CA SER D 17 11.36 -9.51 -34.59
C SER D 17 11.54 -10.19 -35.95
N ASN D 18 10.56 -10.11 -36.84
CA ASN D 18 10.66 -10.69 -38.17
C ASN D 18 11.51 -9.77 -39.05
N ALA D 19 12.73 -10.23 -39.36
CA ALA D 19 13.73 -9.43 -40.06
C ALA D 19 13.23 -8.96 -41.41
N THR D 20 12.36 -9.74 -42.04
CA THR D 20 11.79 -9.37 -43.32
C THR D 20 10.84 -8.20 -43.12
N LEU D 21 9.88 -8.35 -42.21
CA LEU D 21 8.88 -7.31 -41.98
C LEU D 21 9.54 -6.01 -41.56
N ALA D 22 10.58 -6.10 -40.73
CA ALA D 22 11.34 -4.91 -40.32
C ALA D 22 11.90 -4.15 -41.53
N SER D 23 12.49 -4.88 -42.48
CA SER D 23 13.06 -4.24 -43.67
C SER D 23 12.04 -3.35 -44.37
N TYR D 24 10.85 -3.88 -44.64
CA TYR D 24 9.84 -3.16 -45.40
C TYR D 24 9.26 -1.98 -44.61
N ILE D 25 8.98 -2.17 -43.33
CA ILE D 25 8.46 -1.10 -42.49
C ILE D 25 9.42 0.09 -42.47
N VAL D 26 10.71 -0.17 -42.26
CA VAL D 26 11.71 0.89 -42.18
C VAL D 26 11.74 1.70 -43.48
N ARG D 27 11.67 1.02 -44.62
CA ARG D 27 11.67 1.72 -45.91
C ARG D 27 10.50 2.69 -46.01
N ILE D 28 9.35 2.33 -45.46
CA ILE D 28 8.17 3.19 -45.53
C ILE D 28 8.38 4.44 -44.68
N VAL D 29 8.80 4.27 -43.43
CA VAL D 29 9.05 5.42 -42.55
C VAL D 29 10.03 6.38 -43.19
N ARG D 30 11.11 5.86 -43.79
CA ARG D 30 12.18 6.73 -44.29
C ARG D 30 11.70 7.68 -45.38
N ARG D 31 10.57 7.39 -46.01
CA ARG D 31 10.05 8.28 -47.03
C ARG D 31 9.56 9.59 -46.45
N TYR D 32 9.30 9.64 -45.14
CA TYR D 32 8.50 10.67 -44.50
C TYR D 32 9.34 11.35 -43.44
N ASP D 33 9.14 12.66 -43.31
CA ASP D 33 9.82 13.46 -42.28
C ASP D 33 9.10 13.47 -40.93
N ILE D 34 7.79 13.28 -40.92
CA ILE D 34 7.02 13.04 -39.70
C ILE D 34 6.03 11.93 -39.98
N VAL D 35 5.99 10.92 -39.12
CA VAL D 35 4.97 9.89 -39.24
C VAL D 35 4.45 9.54 -37.85
N LEU D 36 3.14 9.57 -37.73
CA LEU D 36 2.40 9.08 -36.57
C LEU D 36 2.03 7.62 -36.77
N ILE D 37 2.53 6.75 -35.89
CA ILE D 37 2.15 5.34 -35.83
C ILE D 37 1.08 5.12 -34.76
N GLN D 38 -0.09 4.62 -35.16
CA GLN D 38 -1.20 4.30 -34.27
C GLN D 38 -1.40 2.80 -34.08
N GLU D 39 -2.14 2.47 -33.02
CA GLU D 39 -2.46 1.09 -32.62
C GLU D 39 -1.19 0.33 -32.25
N VAL D 40 -0.32 1.00 -31.49
CA VAL D 40 0.84 0.41 -30.84
C VAL D 40 0.36 -0.35 -29.60
N ARG D 41 0.28 -1.67 -29.69
CA ARG D 41 -0.16 -2.50 -28.58
C ARG D 41 1.06 -3.11 -27.89
N ASP D 42 1.77 -2.24 -27.15
CA ASP D 42 3.14 -2.51 -26.71
C ASP D 42 3.29 -2.09 -25.25
N SER D 43 2.96 -3.01 -24.34
CA SER D 43 2.91 -2.73 -22.91
C SER D 43 4.19 -2.10 -22.35
N HIS D 44 5.35 -2.61 -22.75
CA HIS D 44 6.62 -2.18 -22.15
C HIS D 44 7.55 -1.52 -23.15
N LEU D 45 7.02 -1.02 -24.26
CA LEU D 45 7.79 -0.25 -25.23
C LEU D 45 8.94 -1.02 -25.86
N VAL D 46 8.86 -2.35 -25.91
CA VAL D 46 9.99 -3.11 -26.43
C VAL D 46 10.07 -2.93 -27.94
N ALA D 47 8.92 -3.03 -28.60
CA ALA D 47 8.83 -2.82 -30.05
C ALA D 47 9.29 -1.43 -30.43
N VAL D 48 8.85 -0.41 -29.70
CA VAL D 48 9.25 0.96 -30.00
C VAL D 48 10.77 1.08 -29.92
N GLY D 49 11.36 0.51 -28.87
CA GLY D 49 12.81 0.53 -28.76
C GLY D 49 13.47 -0.14 -29.95
N LYS D 50 12.97 -1.31 -30.33
CA LYS D 50 13.56 -2.08 -31.42
C LYS D 50 13.39 -1.35 -32.74
N LEU D 51 12.29 -0.63 -32.91
CA LEU D 51 12.08 0.15 -34.13
C LEU D 51 13.04 1.33 -34.22
N LEU D 52 13.26 2.04 -33.12
CA LEU D 52 14.17 3.19 -33.20
C LEU D 52 15.61 2.75 -33.38
N ASP D 53 16.00 1.65 -32.73
CA ASP D 53 17.33 1.07 -32.91
C ASP D 53 17.63 0.79 -34.38
N TYR D 54 16.73 0.08 -35.07
CA TYR D 54 16.96 -0.22 -36.47
C TYR D 54 17.19 1.07 -37.25
N LEU D 55 16.28 2.04 -37.11
CA LEU D 55 16.37 3.30 -37.84
C LEU D 55 17.59 4.10 -37.42
N ASN D 56 18.05 3.98 -36.17
CA ASN D 56 19.07 4.87 -35.65
C ASN D 56 20.37 4.13 -35.38
N GLN D 57 20.63 3.08 -36.16
CA GLN D 57 21.87 2.32 -36.01
C GLN D 57 23.09 3.19 -36.32
N ASP D 58 23.08 3.84 -37.48
CA ASP D 58 24.26 4.53 -37.99
C ASP D 58 24.39 5.93 -37.40
N ASP D 59 23.37 6.78 -37.57
CA ASP D 59 23.36 8.10 -36.97
C ASP D 59 22.34 8.10 -35.82
N PRO D 60 22.77 8.39 -34.60
CA PRO D 60 21.84 8.37 -33.46
C PRO D 60 20.74 9.43 -33.47
N ASN D 61 20.77 10.42 -34.36
CA ASN D 61 19.73 11.45 -34.33
C ASN D 61 18.97 11.56 -35.64
N THR D 62 18.81 10.45 -36.35
CA THR D 62 17.92 10.45 -37.52
C THR D 62 16.46 10.70 -37.13
N TYR D 63 15.94 9.98 -36.14
CA TYR D 63 14.57 10.15 -35.67
C TYR D 63 14.50 10.29 -34.16
N HIS D 64 13.81 11.33 -33.69
CA HIS D 64 13.34 11.42 -32.32
C HIS D 64 11.89 10.92 -32.23
N TYR D 65 11.39 10.74 -31.01
CA TYR D 65 10.07 10.17 -30.82
C TYR D 65 9.26 11.00 -29.82
N VAL D 66 7.93 10.95 -29.97
CA VAL D 66 7.00 11.34 -28.91
C VAL D 66 5.97 10.24 -28.72
N VAL D 67 6.03 9.55 -27.59
CA VAL D 67 5.18 8.40 -27.32
C VAL D 67 4.38 8.70 -26.05
N SER D 68 3.17 8.16 -25.99
CA SER D 68 2.25 8.38 -24.89
C SER D 68 2.23 7.20 -23.91
N GLU D 69 1.71 7.46 -22.72
CA GLU D 69 1.33 6.40 -21.80
C GLU D 69 0.21 5.56 -22.38
N PRO D 70 0.00 4.35 -21.86
CA PRO D 70 -1.13 3.53 -22.33
C PRO D 70 -2.48 4.14 -21.94
N LEU D 71 -3.35 4.40 -22.92
CA LEU D 71 -4.60 5.08 -22.68
C LEU D 71 -5.76 4.11 -22.79
N GLY D 72 -6.75 4.23 -21.91
CA GLY D 72 -7.91 3.34 -21.99
C GLY D 72 -8.75 3.10 -20.75
N ARG D 73 -10.05 2.86 -20.95
CA ARG D 73 -10.96 2.58 -19.84
C ARG D 73 -10.81 1.15 -19.34
N ASN D 74 -10.34 0.25 -20.19
CA ASN D 74 -10.26 -1.18 -19.94
C ASN D 74 -8.81 -1.66 -20.09
N SER D 75 -8.64 -2.98 -20.16
CA SER D 75 -7.29 -3.54 -20.28
C SER D 75 -6.64 -3.15 -21.60
N TYR D 76 -7.40 -3.11 -22.70
CA TYR D 76 -6.87 -2.67 -23.99
C TYR D 76 -6.45 -1.20 -23.98
N LYS D 77 -5.15 -0.97 -24.14
CA LYS D 77 -4.57 0.36 -24.05
C LYS D 77 -3.58 0.47 -25.20
N GLU D 78 -3.58 1.62 -25.87
CA GLU D 78 -2.64 1.90 -26.95
C GLU D 78 -1.91 3.20 -26.68
N ARG D 79 -0.73 3.30 -27.29
CA ARG D 79 0.03 4.53 -27.31
C ARG D 79 -0.08 5.22 -28.67
N TYR D 80 0.18 6.51 -28.66
CA TYR D 80 0.47 7.29 -29.86
C TYR D 80 1.99 7.40 -29.98
N LEU D 81 2.54 6.98 -31.11
CA LEU D 81 3.98 7.11 -31.34
C LEU D 81 4.16 8.09 -32.49
N PHE D 82 4.73 9.25 -32.17
CA PHE D 82 5.23 10.23 -33.13
C PHE D 82 6.71 10.01 -33.45
N LEU D 83 7.03 9.79 -34.72
CA LEU D 83 8.41 9.85 -35.18
C LEU D 83 8.62 11.10 -36.01
N PHE D 84 9.65 11.88 -35.67
CA PHE D 84 9.97 13.11 -36.36
C PHE D 84 11.49 13.26 -36.50
N ARG D 85 11.91 13.97 -37.56
CA ARG D 85 13.32 14.33 -37.77
C ARG D 85 13.69 15.61 -37.05
N PRO D 86 14.59 15.58 -36.06
CA PRO D 86 14.87 16.78 -35.26
C PRO D 86 15.65 17.84 -36.02
N ASN D 87 16.22 17.52 -37.18
CA ASN D 87 16.90 18.48 -38.03
C ASN D 87 15.93 19.25 -38.90
N LYS D 88 14.68 18.80 -38.96
CA LYS D 88 13.60 19.38 -39.75
C LYS D 88 12.60 20.11 -38.88
N VAL D 89 12.27 19.56 -37.71
CA VAL D 89 11.34 20.19 -36.79
C VAL D 89 11.85 20.04 -35.37
N SER D 90 11.36 20.90 -34.47
CA SER D 90 11.61 20.80 -33.04
C SER D 90 10.31 20.68 -32.27
N VAL D 91 10.35 19.97 -31.13
CA VAL D 91 9.23 19.93 -30.20
C VAL D 91 9.44 20.95 -29.08
N LEU D 92 8.55 21.93 -29.00
CA LEU D 92 8.64 22.98 -27.99
C LEU D 92 7.88 22.62 -26.71
N ASP D 93 6.81 21.84 -26.85
CA ASP D 93 5.92 21.51 -25.76
C ASP D 93 4.95 20.44 -26.23
N THR D 94 4.51 19.62 -25.29
CA THR D 94 3.50 18.59 -25.50
C THR D 94 2.57 18.57 -24.30
N TYR D 95 1.36 18.06 -24.52
CA TYR D 95 0.46 17.85 -23.39
C TYR D 95 -0.62 16.87 -23.82
N GLN D 96 -1.11 16.13 -22.83
CA GLN D 96 -2.26 15.26 -22.97
C GLN D 96 -3.52 16.06 -22.77
N TYR D 97 -4.46 15.95 -23.71
CA TYR D 97 -5.71 16.68 -23.57
C TYR D 97 -6.37 16.18 -22.29
N ASP D 98 -6.77 17.11 -21.42
CA ASP D 98 -7.55 16.73 -20.25
C ASP D 98 -9.01 16.55 -20.63
N ASP D 99 -9.44 15.31 -20.78
CA ASP D 99 -10.80 15.02 -21.21
C ASP D 99 -11.71 14.76 -20.02
N GLY D 100 -11.19 15.00 -18.81
CA GLY D 100 -11.91 14.91 -17.55
C GLY D 100 -11.63 13.63 -16.76
N CYS D 101 -12.61 13.30 -15.91
CA CYS D 101 -12.47 12.28 -14.86
C CYS D 101 -12.99 10.94 -15.35
N GLU D 102 -12.06 9.99 -15.55
CA GLU D 102 -12.43 8.66 -16.01
C GLU D 102 -13.29 7.93 -14.99
N SER D 103 -12.95 8.04 -13.70
CA SER D 103 -13.70 7.33 -12.66
C SER D 103 -15.12 7.86 -12.56
N CYS D 104 -15.35 9.14 -12.91
CA CYS D 104 -16.69 9.71 -12.88
C CYS D 104 -17.52 9.15 -14.02
N GLY D 105 -16.85 8.70 -15.09
CA GLY D 105 -17.52 8.31 -16.31
C GLY D 105 -17.88 9.45 -17.22
N ASN D 106 -17.09 10.53 -17.21
CA ASN D 106 -17.39 11.74 -17.96
C ASN D 106 -16.36 12.03 -19.06
N ASP D 107 -15.23 11.34 -19.06
CA ASP D 107 -14.19 11.56 -20.07
C ASP D 107 -14.74 11.32 -21.46
N SER D 108 -14.50 12.25 -22.37
CA SER D 108 -15.22 12.23 -23.64
C SER D 108 -14.61 11.22 -24.62
N PHE D 109 -13.35 10.84 -24.42
CA PHE D 109 -12.65 9.94 -25.33
C PHE D 109 -12.08 8.76 -24.57
N SER D 110 -12.20 7.57 -25.16
CA SER D 110 -11.52 6.40 -24.64
C SER D 110 -10.00 6.51 -24.84
N ARG D 111 -9.55 6.96 -26.02
CA ARG D 111 -8.14 7.21 -26.29
C ARG D 111 -7.93 8.71 -26.54
N GLU D 112 -7.60 9.42 -25.47
CA GLU D 112 -7.44 10.87 -25.50
C GLU D 112 -6.43 11.32 -26.56
N PRO D 113 -6.81 12.22 -27.46
CA PRO D 113 -5.86 12.75 -28.46
C PRO D 113 -4.57 13.27 -27.85
N ALA D 114 -3.45 12.86 -28.42
CA ALA D 114 -2.17 13.53 -28.22
C ALA D 114 -2.00 14.77 -29.10
N VAL D 115 -1.51 15.86 -28.50
CA VAL D 115 -1.37 17.16 -29.17
C VAL D 115 0.10 17.58 -29.05
N VAL D 116 0.70 17.93 -30.18
CA VAL D 116 2.12 18.29 -30.26
C VAL D 116 2.30 19.64 -30.95
N LYS D 117 2.97 20.57 -30.26
CA LYS D 117 3.44 21.81 -30.88
C LYS D 117 4.79 21.60 -31.55
N PHE D 118 4.86 21.88 -32.84
CA PHE D 118 6.07 21.70 -33.65
C PHE D 118 6.68 23.04 -34.03
N SER D 119 8.02 23.11 -34.04
CA SER D 119 8.77 24.22 -34.66
C SER D 119 9.28 23.78 -36.03
N SER D 120 8.83 24.47 -37.09
CA SER D 120 9.19 24.12 -38.48
C SER D 120 9.80 25.33 -39.19
N HIS D 121 11.14 25.38 -39.20
CA HIS D 121 11.89 26.50 -39.77
C HIS D 121 11.89 26.55 -41.29
N SER D 122 11.66 25.43 -41.98
CA SER D 122 11.83 25.39 -43.42
C SER D 122 10.61 25.86 -44.21
N THR D 123 9.46 26.02 -43.57
CA THR D 123 8.21 26.28 -44.28
C THR D 123 7.64 27.68 -43.99
N LYS D 124 6.64 28.04 -44.80
CA LYS D 124 5.92 29.29 -44.66
C LYS D 124 5.22 29.39 -43.31
N VAL D 125 4.44 28.36 -42.97
CA VAL D 125 3.82 28.28 -41.65
C VAL D 125 4.87 27.98 -40.59
N LYS D 126 4.87 28.80 -39.54
CA LYS D 126 5.85 28.77 -38.47
C LYS D 126 5.38 27.96 -37.26
N GLU D 127 4.11 28.06 -36.89
CA GLU D 127 3.57 27.26 -35.80
C GLU D 127 2.33 26.51 -36.24
N PHE D 128 2.27 25.21 -35.93
CA PHE D 128 1.06 24.43 -36.18
C PHE D 128 0.99 23.28 -35.20
N ALA D 129 -0.22 22.78 -34.99
CA ALA D 129 -0.51 21.64 -34.11
C ALA D 129 -0.87 20.41 -34.92
N ILE D 130 -0.46 19.24 -34.44
CA ILE D 130 -0.96 17.96 -34.94
C ILE D 130 -1.78 17.31 -33.84
N VAL D 131 -3.04 17.01 -34.13
CA VAL D 131 -3.91 16.25 -33.25
C VAL D 131 -4.00 14.80 -33.73
N ALA D 132 -3.72 13.87 -32.84
CA ALA D 132 -3.74 12.43 -33.11
C ALA D 132 -5.07 11.84 -32.65
N LEU D 133 -5.63 10.95 -33.47
CA LEU D 133 -6.81 10.19 -33.05
C LEU D 133 -6.78 8.80 -33.66
N HIS D 134 -6.74 7.79 -32.79
CA HIS D 134 -7.20 6.42 -33.03
C HIS D 134 -8.57 6.16 -32.44
N SER D 135 -9.60 6.15 -33.28
CA SER D 135 -10.94 6.01 -32.77
C SER D 135 -11.23 4.58 -32.33
N ALA D 136 -12.06 4.45 -31.30
CA ALA D 136 -12.69 3.18 -30.94
C ALA D 136 -13.66 2.71 -32.00
N PRO D 137 -13.46 1.54 -32.62
CA PRO D 137 -14.36 1.13 -33.72
C PRO D 137 -15.83 1.32 -33.39
N SER D 138 -16.25 0.86 -32.21
CA SER D 138 -17.63 0.84 -31.77
C SER D 138 -18.09 2.19 -31.22
N ASP D 139 -17.21 3.21 -31.21
CA ASP D 139 -17.54 4.54 -30.72
C ASP D 139 -17.21 5.64 -31.73
N ALA D 140 -17.08 5.31 -33.01
CA ALA D 140 -16.63 6.28 -33.99
C ALA D 140 -17.51 7.52 -34.00
N VAL D 141 -18.83 7.33 -34.03
CA VAL D 141 -19.77 8.45 -34.15
C VAL D 141 -19.56 9.45 -33.01
N ALA D 142 -19.57 8.95 -31.77
CA ALA D 142 -19.44 9.82 -30.61
C ALA D 142 -18.09 10.55 -30.60
N GLU D 143 -17.02 9.82 -30.93
CA GLU D 143 -15.67 10.36 -30.80
C GLU D 143 -15.37 11.45 -31.82
N ILE D 144 -15.76 11.23 -33.09
CA ILE D 144 -15.54 12.25 -34.11
C ILE D 144 -16.28 13.54 -33.73
N ASN D 145 -17.50 13.40 -33.20
CA ASN D 145 -18.25 14.57 -32.74
C ASN D 145 -17.48 15.34 -31.68
N SER D 146 -16.83 14.62 -30.76
CA SER D 146 -16.10 15.22 -29.65
C SER D 146 -14.90 16.05 -30.14
N LEU D 147 -14.40 15.79 -31.35
CA LEU D 147 -13.27 16.53 -31.91
C LEU D 147 -13.57 18.02 -32.06
N TYR D 148 -14.85 18.39 -32.13
CA TYR D 148 -15.25 19.79 -32.16
C TYR D 148 -14.72 20.54 -30.93
N ASP D 149 -14.87 19.94 -29.75
CA ASP D 149 -14.41 20.51 -28.48
C ASP D 149 -12.90 20.64 -28.36
N VAL D 150 -12.14 19.69 -28.92
CA VAL D 150 -10.68 19.71 -28.87
C VAL D 150 -10.10 20.95 -29.54
N TYR D 151 -10.67 21.37 -30.67
CA TYR D 151 -10.21 22.58 -31.34
C TYR D 151 -10.25 23.80 -30.41
N LEU D 152 -11.40 24.04 -29.77
CA LEU D 152 -11.54 25.17 -28.83
C LEU D 152 -10.50 25.16 -27.71
N ASP D 153 -10.16 23.98 -27.19
CA ASP D 153 -9.17 23.87 -26.13
C ASP D 153 -7.79 24.35 -26.57
N VAL D 154 -7.37 23.95 -27.76
CA VAL D 154 -6.07 24.34 -28.33
C VAL D 154 -5.91 25.86 -28.41
N GLN D 155 -6.98 26.56 -28.81
CA GLN D 155 -6.96 28.02 -28.89
C GLN D 155 -6.56 28.68 -27.55
N GLN D 156 -7.12 28.21 -26.44
CA GLN D 156 -6.85 28.84 -25.13
C GLN D 156 -5.37 28.76 -24.75
N LYS D 157 -4.75 27.59 -24.89
CA LYS D 157 -3.41 27.38 -24.34
C LYS D 157 -2.31 28.09 -25.15
N TRP D 158 -2.35 28.01 -26.49
CA TRP D 158 -1.23 28.43 -27.33
C TRP D 158 -1.53 29.64 -28.21
N HIS D 159 -2.76 30.16 -28.16
CA HIS D 159 -3.20 31.28 -29.00
C HIS D 159 -2.93 31.00 -30.49
N LEU D 160 -3.33 29.81 -30.91
CA LEU D 160 -3.01 29.25 -32.22
C LEU D 160 -4.29 28.81 -32.90
N ASN D 161 -4.60 29.41 -34.05
CA ASN D 161 -5.79 29.05 -34.81
C ASN D 161 -5.51 27.96 -35.83
N ASP D 162 -4.24 27.78 -36.17
CA ASP D 162 -3.74 26.89 -37.22
C ASP D 162 -3.49 25.46 -36.73
N VAL D 163 -4.50 24.60 -36.86
CA VAL D 163 -4.48 23.25 -36.30
C VAL D 163 -4.81 22.26 -37.41
N MET D 164 -3.96 21.24 -37.55
CA MET D 164 -4.16 20.11 -38.45
C MET D 164 -4.62 18.87 -37.67
N LEU D 165 -5.76 18.31 -38.08
CA LEU D 165 -6.34 17.09 -37.53
C LEU D 165 -6.23 15.92 -38.49
N MET D 166 -5.58 14.83 -38.06
CA MET D 166 -5.28 13.72 -38.95
C MET D 166 -5.27 12.44 -38.14
N GLY D 167 -5.42 11.32 -38.84
CA GLY D 167 -5.39 10.05 -38.16
C GLY D 167 -6.45 9.05 -38.63
N ASP D 168 -6.49 7.90 -37.96
CA ASP D 168 -7.50 6.88 -38.19
C ASP D 168 -8.85 7.35 -37.65
N PHE D 169 -9.64 8.00 -38.51
CA PHE D 169 -10.97 8.45 -38.11
C PHE D 169 -12.00 7.34 -38.08
N ASN D 170 -11.69 6.19 -38.68
CA ASN D 170 -12.66 5.11 -38.90
C ASN D 170 -13.89 5.57 -39.67
N ALA D 171 -13.71 6.41 -40.68
CA ALA D 171 -14.83 7.13 -41.29
C ALA D 171 -15.22 6.26 -42.46
N ASP D 172 -16.52 5.96 -42.61
CA ASP D 172 -16.90 5.21 -43.80
C ASP D 172 -18.43 5.20 -43.98
N CYS D 173 -18.84 4.47 -45.02
CA CYS D 173 -20.25 4.17 -45.26
C CYS D 173 -20.94 3.67 -44.00
N SER D 174 -20.46 2.56 -43.42
CA SER D 174 -21.24 1.97 -42.34
C SER D 174 -21.09 2.75 -41.05
N TYR D 175 -19.96 3.42 -40.85
CA TYR D 175 -19.60 4.03 -39.58
C TYR D 175 -20.25 5.41 -39.53
N VAL D 176 -20.37 6.04 -40.69
CA VAL D 176 -21.09 7.29 -40.88
C VAL D 176 -21.92 7.14 -42.16
N THR D 177 -23.22 6.96 -42.00
CA THR D 177 -24.13 6.78 -43.12
C THR D 177 -24.63 8.14 -43.62
N SER D 178 -25.23 8.12 -44.80
CA SER D 178 -25.64 9.36 -45.47
C SER D 178 -26.42 10.28 -44.54
N SER D 179 -27.31 9.72 -43.72
CA SER D 179 -28.19 10.58 -42.94
C SER D 179 -27.43 11.19 -41.77
N GLN D 180 -26.34 10.55 -41.34
CA GLN D 180 -25.57 10.98 -40.18
C GLN D 180 -24.57 12.06 -40.56
N TRP D 181 -24.28 12.22 -41.86
CA TRP D 181 -23.31 13.20 -42.32
C TRP D 181 -23.73 14.60 -41.95
N SER D 182 -25.04 14.84 -41.89
CA SER D 182 -25.63 16.13 -41.55
C SER D 182 -25.53 16.44 -40.07
N SER D 183 -25.12 15.47 -39.26
CA SER D 183 -24.91 15.65 -37.82
C SER D 183 -23.49 16.07 -37.48
N ILE D 184 -22.56 16.03 -38.43
CA ILE D 184 -21.16 16.31 -38.17
C ILE D 184 -20.88 17.74 -38.59
N ARG D 185 -20.69 18.60 -37.59
CA ARG D 185 -20.49 20.03 -37.79
C ARG D 185 -19.19 20.33 -38.53
N LEU D 186 -18.16 19.52 -38.29
CA LEU D 186 -16.85 19.68 -38.91
C LEU D 186 -16.91 19.59 -40.44
N ARG D 187 -17.93 18.95 -41.00
CA ARG D 187 -18.11 18.81 -42.44
C ARG D 187 -19.04 19.88 -42.99
N THR D 188 -20.10 20.20 -42.26
CA THR D 188 -21.08 21.15 -42.76
C THR D 188 -20.53 22.57 -42.66
N SER D 189 -19.56 22.78 -41.79
CA SER D 189 -18.88 24.06 -41.62
C SER D 189 -17.76 24.20 -42.64
N SER D 190 -17.74 25.33 -43.34
CA SER D 190 -16.76 25.65 -44.38
C SER D 190 -15.36 25.97 -43.85
N THR D 191 -15.18 26.08 -42.53
CA THR D 191 -13.84 26.29 -41.97
C THR D 191 -12.88 25.16 -42.35
N PHE D 192 -13.38 23.95 -42.57
CA PHE D 192 -12.58 22.74 -42.72
C PHE D 192 -12.66 22.23 -44.16
N GLN D 193 -11.50 22.08 -44.79
CA GLN D 193 -11.41 21.40 -46.08
C GLN D 193 -11.10 19.91 -45.87
N TRP D 194 -11.91 19.05 -46.48
CA TRP D 194 -11.74 17.60 -46.44
C TRP D 194 -11.01 17.13 -47.69
N LEU D 195 -9.69 16.92 -47.56
CA LEU D 195 -8.82 16.63 -48.70
C LEU D 195 -9.01 15.22 -49.26
N ILE D 196 -9.23 14.24 -48.40
CA ILE D 196 -9.55 12.88 -48.83
C ILE D 196 -11.07 12.76 -49.05
N PRO D 197 -11.52 12.58 -50.29
CA PRO D 197 -12.94 12.51 -50.60
C PRO D 197 -13.50 11.12 -50.32
N ASP D 198 -14.82 11.02 -50.38
CA ASP D 198 -15.51 9.75 -50.18
C ASP D 198 -15.07 8.68 -51.20
N SER D 199 -14.65 9.08 -52.39
CA SER D 199 -14.33 8.15 -53.48
C SER D 199 -12.98 7.45 -53.32
N ALA D 200 -12.05 7.97 -52.52
CA ALA D 200 -10.74 7.36 -52.38
C ALA D 200 -10.86 5.99 -51.72
N ASP D 201 -9.95 5.07 -52.10
CA ASP D 201 -9.86 3.75 -51.50
C ASP D 201 -8.57 3.61 -50.70
N THR D 202 -8.70 3.54 -49.37
CA THR D 202 -7.56 3.45 -48.46
C THR D 202 -7.47 2.10 -47.75
N THR D 203 -8.17 1.10 -48.26
CA THR D 203 -8.17 -0.26 -47.74
C THR D 203 -7.37 -1.17 -48.66
N ALA D 204 -6.52 -2.02 -48.06
CA ALA D 204 -5.78 -2.98 -48.85
C ALA D 204 -6.64 -4.15 -49.31
N THR D 205 -7.75 -4.42 -48.64
CA THR D 205 -8.68 -5.43 -49.13
C THR D 205 -9.39 -4.92 -50.38
N SER D 206 -10.30 -5.74 -50.91
CA SER D 206 -11.04 -5.46 -52.13
C SER D 206 -12.24 -4.55 -51.90
N THR D 207 -12.48 -4.14 -50.66
CA THR D 207 -13.51 -3.18 -50.32
C THR D 207 -13.14 -1.81 -50.90
N ASN D 208 -14.15 -0.94 -51.00
CA ASN D 208 -13.97 0.43 -51.47
C ASN D 208 -14.50 1.37 -50.38
N CYS D 209 -13.61 1.68 -49.43
CA CYS D 209 -13.90 2.48 -48.25
C CYS D 209 -12.83 3.53 -48.04
N ALA D 210 -13.27 4.79 -47.90
CA ALA D 210 -12.47 5.94 -47.47
C ALA D 210 -12.33 6.01 -45.94
N TYR D 211 -11.63 5.02 -45.37
CA TYR D 211 -11.50 4.98 -43.91
C TYR D 211 -10.63 6.10 -43.35
N ASP D 212 -9.46 6.34 -43.94
CA ASP D 212 -8.50 7.31 -43.39
C ASP D 212 -8.61 8.71 -43.97
N ARG D 213 -8.56 9.72 -43.09
CA ARG D 213 -8.83 11.10 -43.46
C ARG D 213 -7.80 12.01 -42.79
N ILE D 214 -7.56 13.16 -43.42
CA ILE D 214 -6.82 14.31 -42.89
C ILE D 214 -7.66 15.57 -43.00
N VAL D 215 -7.84 16.27 -41.88
CA VAL D 215 -8.68 17.46 -41.78
C VAL D 215 -7.83 18.60 -41.22
N VAL D 216 -7.92 19.78 -41.84
CA VAL D 216 -7.06 20.91 -41.53
C VAL D 216 -7.91 22.13 -41.21
N ALA D 217 -7.58 22.80 -40.10
CA ALA D 217 -8.17 24.07 -39.70
C ALA D 217 -7.12 25.18 -39.59
N GLY D 218 -7.60 26.42 -39.79
CA GLY D 218 -6.80 27.64 -39.73
C GLY D 218 -6.41 28.25 -41.06
N SER D 219 -6.46 29.58 -41.11
CA SER D 219 -6.16 30.33 -42.33
C SER D 219 -4.74 30.10 -42.84
N LEU D 220 -3.74 30.21 -41.95
CA LEU D 220 -2.35 30.16 -42.37
C LEU D 220 -2.03 28.78 -42.95
N LEU D 221 -2.34 27.73 -42.18
CA LEU D 221 -2.05 26.36 -42.57
C LEU D 221 -2.76 26.00 -43.89
N GLN D 222 -4.03 26.41 -44.02
CA GLN D 222 -4.81 26.10 -45.22
C GLN D 222 -4.14 26.61 -46.49
N SER D 223 -3.59 27.82 -46.47
CA SER D 223 -3.00 28.32 -47.71
C SER D 223 -1.66 27.65 -48.02
N SER D 224 -1.07 26.93 -47.04
CA SER D 224 0.17 26.22 -47.27
C SER D 224 -0.04 24.84 -47.89
N VAL D 225 -1.24 24.27 -47.74
CA VAL D 225 -1.50 22.93 -48.25
C VAL D 225 -1.50 22.94 -49.77
N VAL D 226 -0.74 22.04 -50.37
CA VAL D 226 -0.74 21.88 -51.82
C VAL D 226 -1.98 21.10 -52.27
N PRO D 227 -2.89 21.75 -53.00
CA PRO D 227 -4.11 21.09 -53.48
C PRO D 227 -3.87 19.74 -54.14
N GLY D 228 -4.59 18.71 -53.69
CA GLY D 228 -4.56 17.43 -54.36
C GLY D 228 -3.41 16.50 -54.01
N SER D 229 -2.52 16.91 -53.10
CA SER D 229 -1.37 16.09 -52.74
C SER D 229 -1.76 14.93 -51.83
N ALA D 230 -2.79 15.13 -51.03
CA ALA D 230 -3.35 14.11 -50.14
C ALA D 230 -3.98 12.98 -50.95
N ALA D 231 -3.39 11.78 -50.85
CA ALA D 231 -3.84 10.60 -51.56
C ALA D 231 -3.25 9.38 -50.88
N PRO D 232 -3.88 8.21 -51.01
CA PRO D 232 -3.23 6.98 -50.57
C PRO D 232 -2.00 6.59 -51.39
N PHE D 233 -1.02 6.03 -50.68
CA PHE D 233 0.19 5.44 -51.25
C PHE D 233 0.05 3.93 -51.29
N ASP D 234 -0.25 3.37 -52.45
CA ASP D 234 -0.36 1.93 -52.56
C ASP D 234 1.01 1.25 -52.52
N PHE D 235 1.46 0.84 -51.33
CA PHE D 235 2.79 0.26 -51.21
C PHE D 235 2.83 -1.13 -51.84
N GLN D 236 1.66 -1.76 -51.97
CA GLN D 236 1.58 -3.04 -52.67
C GLN D 236 2.01 -2.86 -54.13
N ALA D 237 1.43 -1.86 -54.80
CA ALA D 237 1.77 -1.59 -56.20
C ALA D 237 3.23 -1.22 -56.33
N ALA D 238 3.70 -0.28 -55.49
CA ALA D 238 5.03 0.30 -55.65
C ALA D 238 6.12 -0.72 -55.34
N TYR D 239 5.84 -1.67 -54.45
CA TYR D 239 6.80 -2.66 -54.00
C TYR D 239 6.46 -4.04 -54.56
N GLY D 240 5.48 -4.12 -55.47
CA GLY D 240 5.08 -5.33 -56.13
C GLY D 240 4.77 -6.52 -55.24
N LEU D 241 4.00 -6.33 -54.18
CA LEU D 241 3.76 -7.43 -53.27
C LEU D 241 2.49 -8.20 -53.61
N SER D 242 2.45 -9.44 -53.16
CA SER D 242 1.26 -10.26 -53.08
C SER D 242 0.26 -9.72 -52.06
N ASN D 243 -0.98 -10.18 -52.22
CA ASN D 243 -2.06 -9.82 -51.29
C ASN D 243 -1.82 -10.35 -49.88
N GLU D 244 -1.14 -11.49 -49.74
CA GLU D 244 -0.94 -12.09 -48.41
C GLU D 244 -0.01 -11.25 -47.53
N MET D 245 1.14 -10.82 -48.06
CA MET D 245 2.08 -10.02 -47.27
C MET D 245 1.52 -8.65 -46.92
N ALA D 246 0.75 -8.04 -47.83
CA ALA D 246 0.15 -6.75 -47.51
C ALA D 246 -0.67 -6.82 -46.22
N LEU D 247 -1.53 -7.82 -46.09
CA LEU D 247 -2.32 -7.93 -44.86
C LEU D 247 -1.44 -8.20 -43.65
N ALA D 248 -0.38 -8.99 -43.82
CA ALA D 248 0.52 -9.30 -42.71
C ALA D 248 1.21 -8.06 -42.16
N ILE D 249 1.48 -7.07 -43.00
CA ILE D 249 2.01 -5.79 -42.52
C ILE D 249 0.93 -5.01 -41.78
N SER D 250 -0.12 -4.61 -42.50
CA SER D 250 -1.20 -3.83 -41.91
C SER D 250 -2.38 -3.83 -42.85
N ASP D 251 -3.56 -3.58 -42.27
CA ASP D 251 -4.79 -3.47 -43.01
C ASP D 251 -5.13 -2.04 -43.42
N HIS D 252 -4.30 -1.07 -43.04
CA HIS D 252 -4.41 0.31 -43.49
C HIS D 252 -3.21 0.71 -44.34
N TYR D 253 -3.46 1.52 -45.37
CA TYR D 253 -2.41 2.25 -46.06
C TYR D 253 -2.02 3.50 -45.28
N PRO D 254 -0.78 3.97 -45.43
CA PRO D 254 -0.45 5.32 -44.96
C PRO D 254 -1.23 6.38 -45.72
N VAL D 255 -1.51 7.48 -45.02
CA VAL D 255 -1.97 8.72 -45.63
C VAL D 255 -0.84 9.74 -45.55
N GLU D 256 -0.48 10.32 -46.68
CA GLU D 256 0.64 11.24 -46.74
C GLU D 256 0.20 12.59 -47.27
N VAL D 257 1.03 13.60 -47.03
CA VAL D 257 0.86 14.95 -47.54
C VAL D 257 2.23 15.60 -47.67
N THR D 258 2.36 16.46 -48.67
CA THR D 258 3.60 17.19 -48.91
C THR D 258 3.40 18.66 -48.57
N LEU D 259 4.35 19.22 -47.81
CA LEU D 259 4.34 20.66 -47.53
C LEU D 259 5.45 21.35 -48.32
N GLU E 8 -41.76 15.11 17.38
CA GLU E 8 -41.58 14.04 16.40
C GLU E 8 -41.33 14.64 15.02
N LYS E 9 -40.93 15.90 15.01
CA LYS E 9 -40.73 16.62 13.76
C LYS E 9 -39.46 16.13 13.06
N VAL E 10 -39.52 14.93 12.48
CA VAL E 10 -38.40 14.35 11.76
C VAL E 10 -38.59 14.58 10.27
N THR E 11 -37.67 15.32 9.67
CA THR E 11 -37.57 15.37 8.22
C THR E 11 -36.77 14.15 7.80
N VAL E 12 -37.47 13.09 7.41
CA VAL E 12 -36.81 11.83 7.09
C VAL E 12 -35.96 12.01 5.83
N HIS E 13 -34.70 11.61 5.90
CA HIS E 13 -33.81 11.58 4.75
C HIS E 13 -33.38 10.14 4.52
N PHE E 14 -34.22 9.38 3.81
CA PHE E 14 -33.86 8.03 3.39
C PHE E 14 -32.97 8.14 2.15
N LEU E 15 -31.82 8.76 2.36
CA LEU E 15 -30.90 9.16 1.29
C LEU E 15 -30.01 7.99 0.92
N ALA E 16 -30.13 7.52 -0.32
CA ALA E 16 -29.42 6.34 -0.78
C ALA E 16 -28.19 6.73 -1.59
N VAL E 17 -27.41 5.72 -1.98
CA VAL E 17 -26.10 5.91 -2.60
C VAL E 17 -26.20 6.86 -3.78
N TRP E 18 -25.40 7.94 -3.74
CA TRP E 18 -25.33 8.88 -4.84
C TRP E 18 -23.90 9.33 -5.10
N ALA E 19 -22.90 8.58 -4.64
CA ALA E 19 -21.51 8.86 -4.97
C ALA E 19 -20.80 7.69 -5.62
N GLY E 20 -20.87 6.51 -5.02
CA GLY E 20 -20.07 5.37 -5.43
C GLY E 20 -19.93 4.35 -4.33
N PRO E 21 -18.69 3.94 -4.02
CA PRO E 21 -18.47 2.92 -2.98
C PRO E 21 -18.70 3.45 -1.57
N ALA E 22 -19.96 3.40 -1.12
CA ALA E 22 -20.36 4.06 0.12
C ALA E 22 -19.62 3.50 1.34
N GLN E 23 -19.38 2.19 1.38
CA GLN E 23 -18.72 1.58 2.52
C GLN E 23 -17.20 1.71 2.47
N ALA E 24 -16.65 2.20 1.37
CA ALA E 24 -15.20 2.26 1.23
C ALA E 24 -14.60 3.42 2.02
N ALA E 25 -15.29 4.56 2.08
CA ALA E 25 -14.72 5.79 2.63
C ALA E 25 -15.18 6.05 4.05
N ARG E 26 -15.40 5.01 4.84
CA ARG E 26 -15.78 5.17 6.24
C ARG E 26 -14.86 4.42 7.19
N GLN E 27 -14.44 3.22 6.82
CA GLN E 27 -13.63 2.37 7.69
C GLN E 27 -12.15 2.59 7.36
N GLY E 28 -11.42 3.15 8.31
CA GLY E 28 -10.11 3.69 8.06
C GLY E 28 -8.98 2.73 8.38
N PRO E 29 -7.87 2.86 7.63
CA PRO E 29 -6.70 2.03 7.91
C PRO E 29 -5.89 2.52 9.10
N TRP E 30 -6.20 3.68 9.67
CA TRP E 30 -5.36 4.24 10.71
C TRP E 30 -5.44 3.45 12.00
N GLU E 31 -6.63 3.02 12.41
CA GLU E 31 -6.72 2.19 13.59
C GLU E 31 -6.01 0.85 13.40
N GLN E 32 -5.84 0.40 12.16
CA GLN E 32 -5.11 -0.83 11.85
C GLN E 32 -3.69 -0.56 11.40
N LEU E 33 -3.22 0.69 11.48
CA LEU E 33 -1.81 1.03 11.32
C LEU E 33 -1.18 1.60 12.56
N ALA E 34 -1.96 2.20 13.47
CA ALA E 34 -1.40 2.56 14.76
C ALA E 34 -1.30 1.34 15.65
N ARG E 35 -2.26 0.42 15.56
CA ARG E 35 -2.14 -0.83 16.29
C ARG E 35 -0.97 -1.65 15.77
N ASP E 36 -0.79 -1.67 14.46
CA ASP E 36 0.38 -2.35 13.91
C ASP E 36 1.64 -1.55 14.11
N ARG E 37 1.61 -0.47 14.89
CA ARG E 37 2.80 0.27 15.28
C ARG E 37 3.27 -0.07 16.68
N SER E 38 2.36 -0.05 17.66
CA SER E 38 2.76 -0.36 19.03
C SER E 38 3.34 -1.76 19.14
N ARG E 39 2.67 -2.76 18.56
CA ARG E 39 3.15 -4.12 18.69
C ARG E 39 4.53 -4.26 18.07
N PHE E 40 4.92 -3.31 17.21
CA PHE E 40 6.31 -3.22 16.81
C PHE E 40 7.09 -2.28 17.72
N ALA E 41 6.42 -1.25 18.26
CA ALA E 41 7.10 -0.35 19.18
C ALA E 41 7.52 -1.07 20.46
N ARG E 42 6.72 -2.03 20.90
CA ARG E 42 7.06 -2.79 22.07
C ARG E 42 8.17 -3.80 21.80
N ARG E 43 8.39 -4.17 20.54
CA ARG E 43 9.42 -5.15 20.23
C ARG E 43 10.82 -4.59 20.47
N ILE E 44 10.99 -3.28 20.31
CA ILE E 44 12.28 -2.67 20.63
C ILE E 44 12.66 -2.94 22.08
N THR E 45 11.74 -2.66 23.00
CA THR E 45 12.08 -2.77 24.42
C THR E 45 12.46 -4.20 24.80
N GLN E 46 11.69 -5.18 24.33
CA GLN E 46 12.07 -6.57 24.57
C GLN E 46 13.42 -6.87 23.93
N ALA E 47 13.64 -6.38 22.71
CA ALA E 47 14.94 -6.53 22.07
C ALA E 47 16.02 -5.79 22.84
N GLN E 48 15.71 -4.57 23.31
CA GLN E 48 16.71 -3.76 23.99
C GLN E 48 17.34 -4.49 25.16
N GLU E 49 16.55 -5.29 25.87
CA GLU E 49 17.01 -6.06 27.01
C GLU E 49 17.78 -7.31 26.60
N GLU E 50 17.98 -7.52 25.30
CA GLU E 50 18.78 -8.62 24.80
C GLU E 50 19.80 -8.18 23.77
N LEU E 51 19.56 -7.07 23.08
CA LEU E 51 20.40 -6.62 21.98
C LEU E 51 21.43 -5.60 22.40
N SER E 52 21.12 -4.78 23.40
CA SER E 52 22.05 -3.73 23.83
C SER E 52 23.37 -4.25 24.37
N PRO E 53 23.44 -5.32 25.20
CA PRO E 53 24.72 -5.66 25.84
C PRO E 53 25.85 -5.98 24.86
N CYS E 54 25.55 -5.93 23.57
CA CYS E 54 26.56 -6.03 22.52
C CYS E 54 26.84 -4.69 21.86
N LEU E 55 26.34 -3.60 22.43
CA LEU E 55 26.47 -2.27 21.84
C LEU E 55 26.94 -1.26 22.87
N THR E 56 27.98 -1.62 23.62
CA THR E 56 28.60 -0.73 24.59
C THR E 56 30.05 -0.50 24.21
N PRO E 57 30.60 0.69 24.48
CA PRO E 57 31.96 1.00 24.02
C PRO E 57 33.01 0.02 24.50
N ALA E 58 32.86 -0.50 25.73
CA ALA E 58 33.83 -1.48 26.24
C ALA E 58 33.79 -2.77 25.44
N ALA E 59 32.60 -3.24 25.07
CA ALA E 59 32.49 -4.48 24.31
C ALA E 59 32.59 -4.24 22.81
N ARG E 60 32.21 -3.05 22.34
CA ARG E 60 32.30 -2.75 20.91
C ARG E 60 33.74 -2.82 20.42
N ALA E 61 34.71 -2.57 21.31
CA ALA E 61 36.11 -2.75 20.98
C ALA E 61 36.59 -4.17 21.24
N ARG E 62 35.80 -5.00 21.91
CA ARG E 62 36.21 -6.38 22.17
C ARG E 62 36.15 -7.22 20.91
N ALA E 63 35.13 -7.01 20.07
CA ALA E 63 34.88 -7.91 18.96
C ALA E 63 36.06 -7.93 17.99
N TRP E 64 36.50 -6.76 17.53
CA TRP E 64 37.57 -6.74 16.54
C TRP E 64 38.92 -7.11 17.14
N ALA E 65 39.07 -6.94 18.45
CA ALA E 65 40.24 -7.49 19.14
C ALA E 65 40.26 -9.02 19.04
N ARG E 66 39.10 -9.66 19.18
CA ARG E 66 38.98 -11.10 18.98
C ARG E 66 37.53 -11.51 18.74
#